data_1NR8
# 
_entry.id   1NR8 
# 
_audit_conform.dict_name       mmcif_pdbx.dic 
_audit_conform.dict_version    5.404 
_audit_conform.dict_location   http://mmcif.pdb.org/dictionaries/ascii/mmcif_pdbx.dic 
# 
loop_
_database_2.database_id 
_database_2.database_code 
_database_2.pdbx_database_accession 
_database_2.pdbx_DOI 
PDB   1NR8         pdb_00001nr8 10.2210/pdb1nr8/pdb 
NDB   UP0003       ?            ?                   
RCSB  RCSB018138   ?            ?                   
WWPDB D_1000018138 ?            ?                   
# 
loop_
_pdbx_audit_revision_history.ordinal 
_pdbx_audit_revision_history.data_content_type 
_pdbx_audit_revision_history.major_revision 
_pdbx_audit_revision_history.minor_revision 
_pdbx_audit_revision_history.revision_date 
_pdbx_audit_revision_history.part_number 
1 'Structure model' 1 0 2003-10-28 ? 
2 'Structure model' 1 1 2008-04-29 ? 
3 'Structure model' 1 2 2011-07-13 ? 
4 'Structure model' 2 0 2023-11-15 ? 
5 'Structure model' 3 0 2025-08-13 ? 
# 
_pdbx_audit_revision_details.ordinal             1 
_pdbx_audit_revision_details.revision_ordinal    1 
_pdbx_audit_revision_details.data_content_type   'Structure model' 
_pdbx_audit_revision_details.provider            repository 
_pdbx_audit_revision_details.type                'Initial release' 
_pdbx_audit_revision_details.description         ? 
_pdbx_audit_revision_details.details             ? 
# 
loop_
_pdbx_audit_revision_group.ordinal 
_pdbx_audit_revision_group.revision_ordinal 
_pdbx_audit_revision_group.data_content_type 
_pdbx_audit_revision_group.group 
1  2 'Structure model' 'Version format compliance' 
2  3 'Structure model' 'Non-polymer description'   
3  3 'Structure model' 'Version format compliance' 
4  4 'Structure model' 'Atomic model'              
5  4 'Structure model' 'Data collection'           
6  4 'Structure model' 'Database references'       
7  4 'Structure model' 'Derived calculations'      
8  5 'Structure model' 'Atomic model'              
9  5 'Structure model' 'Data collection'           
10 5 'Structure model' 'Derived calculations'      
11 5 'Structure model' 'Polymer sequence'          
12 5 'Structure model' 'Structure summary'         
# 
loop_
_pdbx_audit_revision_category.ordinal 
_pdbx_audit_revision_category.revision_ordinal 
_pdbx_audit_revision_category.data_content_type 
_pdbx_audit_revision_category.category 
1  4 'Structure model' atom_site          
2  4 'Structure model' chem_comp_atom     
3  4 'Structure model' chem_comp_bond     
4  4 'Structure model' database_2         
5  4 'Structure model' struct_conn        
6  4 'Structure model' struct_site        
7  5 'Structure model' atom_site          
8  5 'Structure model' chem_comp          
9  5 'Structure model' chem_comp_atom     
10 5 'Structure model' chem_comp_bond     
11 5 'Structure model' entity_poly        
12 5 'Structure model' pdbx_entry_details 
13 5 'Structure model' struct_conn        
# 
loop_
_pdbx_audit_revision_item.ordinal 
_pdbx_audit_revision_item.revision_ordinal 
_pdbx_audit_revision_item.data_content_type 
_pdbx_audit_revision_item.item 
1  4 'Structure model' '_atom_site.auth_atom_id'                   
2  4 'Structure model' '_atom_site.label_atom_id'                  
3  4 'Structure model' '_database_2.pdbx_DOI'                      
4  4 'Structure model' '_database_2.pdbx_database_accession'       
5  4 'Structure model' '_struct_conn.pdbx_leaving_atom_flag'       
6  4 'Structure model' '_struct_conn.ptnr1_auth_comp_id'           
7  4 'Structure model' '_struct_conn.ptnr1_auth_seq_id'            
8  4 'Structure model' '_struct_conn.ptnr1_label_asym_id'          
9  4 'Structure model' '_struct_conn.ptnr1_label_atom_id'          
10 4 'Structure model' '_struct_conn.ptnr1_label_comp_id'          
11 4 'Structure model' '_struct_conn.ptnr1_label_seq_id'           
12 4 'Structure model' '_struct_conn.ptnr2_auth_comp_id'           
13 4 'Structure model' '_struct_conn.ptnr2_auth_seq_id'            
14 4 'Structure model' '_struct_conn.ptnr2_label_asym_id'          
15 4 'Structure model' '_struct_conn.ptnr2_label_atom_id'          
16 4 'Structure model' '_struct_conn.ptnr2_label_comp_id'          
17 4 'Structure model' '_struct_conn.ptnr2_label_seq_id'           
18 4 'Structure model' '_struct_site.pdbx_auth_asym_id'            
19 4 'Structure model' '_struct_site.pdbx_auth_comp_id'            
20 4 'Structure model' '_struct_site.pdbx_auth_seq_id'             
21 5 'Structure model' '_atom_site.auth_atom_id'                   
22 5 'Structure model' '_atom_site.label_atom_id'                  
23 5 'Structure model' '_chem_comp.mon_nstd_flag'                  
24 5 'Structure model' '_chem_comp.name'                           
25 5 'Structure model' '_chem_comp.pdbx_synonyms'                  
26 5 'Structure model' '_chem_comp_atom.atom_id'                   
27 5 'Structure model' '_chem_comp_bond.atom_id_1'                 
28 5 'Structure model' '_chem_comp_bond.atom_id_2'                 
29 5 'Structure model' '_entity_poly.pdbx_seq_one_letter_code_can' 
30 5 'Structure model' '_struct_conn.ptnr1_label_atom_id'          
# 
_pdbx_database_status.status_code                     REL 
_pdbx_database_status.entry_id                        1NR8 
_pdbx_database_status.recvd_initial_deposition_date   2003-01-24 
_pdbx_database_status.deposit_site                    RCSB 
_pdbx_database_status.process_site                    RCSB 
_pdbx_database_status.status_code_sf                  REL 
_pdbx_database_status.SG_entry                        . 
_pdbx_database_status.pdb_format_compatible           Y 
_pdbx_database_status.status_code_mr                  ? 
_pdbx_database_status.status_code_cs                  ? 
_pdbx_database_status.status_code_nmr_data            ? 
_pdbx_database_status.methods_development_category    ? 
# 
loop_
_pdbx_database_related.db_name 
_pdbx_database_related.db_id 
_pdbx_database_related.details 
_pdbx_database_related.content_type 
PDB 1PDT 'AN ACHIRAL PNA-DNA NMR STRUCTURE'     unspecified 
PDB 1PUP 'AN ACHIRAL PNA-PNA CRYSTAL STRUCTURE' unspecified 
# 
loop_
_audit_author.name 
_audit_author.pdbx_ordinal 
'Menchise, V.'  1 
'De Simone, G.' 2 
'Tedeschi, T.'  3 
'Corradini, R.' 4 
'Sforza, S.'    5 
'Marchelli, R.' 6 
'Capasso, D.'   7 
'Saviano, M.'   8 
'Pedone, C.'    9 
# 
loop_
_citation.id 
_citation.title 
_citation.journal_abbrev 
_citation.journal_volume 
_citation.page_first 
_citation.page_last 
_citation.year 
_citation.journal_id_ASTM 
_citation.country 
_citation.journal_id_ISSN 
_citation.journal_id_CSD 
_citation.book_publisher 
_citation.pdbx_database_id_PubMed 
_citation.pdbx_database_id_DOI 
primary 
;Insights into peptide nucleic acid (PNA) structural features: The  
crystal structure of a D-lysine-based chiral PNA-DNA duplex
;
Proc.Natl.Acad.Sci.USA     100 12021 12026 2003 PNASA6 US 0027-8424 0040 ? 14512516 10.1073/pnas.2034746100   
1       
;Crystallization and preliminary X-ray diffraction studies of a D-Lysine-based   
chiral PNA-DNA duplex
;
'Acta Crystallogr.,Sect.D' 58  553   555   2002 ABCRE6 DK 0907-4449 0766 ? ?        10.1107/S0907444902001427 
# 
loop_
_citation_author.citation_id 
_citation_author.name 
_citation_author.ordinal 
_citation_author.identifier_ORCID 
primary 'Menchise, V.'   1  ? 
primary 'De Simone, G.'  2  ? 
primary 'Tedeschi, T.'   3  ? 
primary 'Corradini, R.'  4  ? 
primary 'Sforza, S.'     5  ? 
primary 'Marchelli, R.'  6  ? 
primary 'Capasso, D.'    7  ? 
primary 'Saviano, M.'    8  ? 
primary 'Pedone, C.'     9  ? 
1       'Menchise, V.'   10 ? 
1       'De Simone, G.'  11 ? 
1       'Corradini, R.'  12 ? 
1       'Sforza, S.'     13 ? 
1       'Sorrentino, S.' 14 ? 
1       'Romanelli, A.'  15 ? 
1       'Saviano, M.'    16 ? 
1       'Pedone, C.'     17 ? 
# 
loop_
_entity.id 
_entity.type 
_entity.src_method 
_entity.pdbx_description 
_entity.formula_weight 
_entity.pdbx_number_of_molecules 
_entity.pdbx_ec 
_entity.pdbx_mutation 
_entity.pdbx_fragment 
_entity.details 
1 polymer     syn "5'-D(P*AP*GP*TP*GP*AP*TP*CP*TP*AP*C)-3'"                             3044.017 1  ? ? ? DNA                    
2 polymer     syn 'H-((GPN)*(TPN)*(APN)*(GPN)*(A66)*(T66)*(C66)*(APN)*(CPN)*(TPN))-NH2' 2883.044 1  ? ? ? 'peptide nucleic acid' 
3 non-polymer syn 'MAGNESIUM ION'                                                       24.305   1  ? ? ? ?                      
4 water       nat water                                                                 18.015   80 ? ? ? ?                      
# 
loop_
_entity_poly.entity_id 
_entity_poly.type 
_entity_poly.nstd_linkage 
_entity_poly.nstd_monomer 
_entity_poly.pdbx_seq_one_letter_code 
_entity_poly.pdbx_seq_one_letter_code_can 
_entity_poly.pdbx_strand_id 
_entity_poly.pdbx_target_identifier 
1 polydeoxyribonucleotide no no  '(DA)(DG)(DT)(DG)(DA)(DT)(DC)(DT)(DA)(DC)'                AGTGATCTAC  A ? 
2 polydeoxyribonucleotide no yes '(GPN)(TPN)(APN)(GPN)(A66)(T66)(C66)(APN)(CPN)(TPN)(NH2)' XXXXKXXXXXX B ? 
# 
loop_
_pdbx_entity_nonpoly.entity_id 
_pdbx_entity_nonpoly.name 
_pdbx_entity_nonpoly.comp_id 
3 'MAGNESIUM ION' MG  
4 water           HOH 
# 
loop_
_entity_poly_seq.entity_id 
_entity_poly_seq.num 
_entity_poly_seq.mon_id 
_entity_poly_seq.hetero 
1 1  DA  n 
1 2  DG  n 
1 3  DT  n 
1 4  DG  n 
1 5  DA  n 
1 6  DT  n 
1 7  DC  n 
1 8  DT  n 
1 9  DA  n 
1 10 DC  n 
2 1  GPN n 
2 2  TPN n 
2 3  APN n 
2 4  GPN n 
2 5  A66 n 
2 6  T66 n 
2 7  C66 n 
2 8  APN n 
2 9  CPN n 
2 10 TPN n 
2 11 NH2 n 
# 
loop_
_chem_comp.id 
_chem_comp.type 
_chem_comp.mon_nstd_flag 
_chem_comp.name 
_chem_comp.pdbx_synonyms 
_chem_comp.formula 
_chem_comp.formula_weight 
A66 'L-peptide linking' n 'N-(3,7-Diaminopurin-6-ylacetyl)-L-lysine'     2-AMINOETHYLLYSINE-CARBONYLMETHYLENE-ADENINE 
'C15 H24 N8 O3'   364.403 
APN peptide-like        . 2-AMINOETHYLGLYCINE-CARBONYLMETHYLENE-ADENINE  ?                                            
'C11 H16 N7 O3 1' 294.290 
C66 'L-peptide linking' . 2-AMINOETHYLLYSINE-CARBONYLMETHYLENE-CYTOSINE  ?                                            
'C14 H24 N6 O4'   340.378 
CPN peptide-like        . 2-AMINOETHYLGLYCINE-CARBONYLMETHYLENE-CYTOSINE ?                                            
'C10 H16 N5 O4 1' 270.265 
DA  'DNA linking'       y "2'-DEOXYADENOSINE-5'-MONOPHOSPHATE"           ?                                            
'C10 H14 N5 O6 P' 331.222 
DC  'DNA linking'       y "2'-DEOXYCYTIDINE-5'-MONOPHOSPHATE"            ?                                            
'C9 H14 N3 O7 P'  307.197 
DG  'DNA linking'       y "2'-DEOXYGUANOSINE-5'-MONOPHOSPHATE"           ?                                            
'C10 H14 N5 O7 P' 347.221 
DT  'DNA linking'       y "THYMIDINE-5'-MONOPHOSPHATE"                   ?                                            
'C10 H15 N2 O8 P' 322.208 
GPN peptide-like        . 2-AMINOETHYLGLYCINE-CARBONYLMETHYLENE-GUANINE  ?                                            
'C11 H16 N7 O4 1' 310.289 
HOH non-polymer         . WATER                                          ?                                            'H2 O' 
18.015  
MG  non-polymer         . 'MAGNESIUM ION'                                ?                                            'Mg 2' 
24.305  
NH2 non-polymer         . 'AMINO GROUP'                                  ?                                            'H2 N' 
16.023  
T66 'L-peptide linking' . 2-AMINOETHYLLYSINE-CARBONYLMETHYLENE-THYMINE   ?                                            
'C15 H25 N5 O5'   355.390 
TPN peptide-like        . 2-AMINOETHYLGLYCINE-CARBONYLMETHYLENE-THYMINE  ?                                            
'C11 H17 N4 O5 1' 285.276 
# 
loop_
_pdbx_poly_seq_scheme.asym_id 
_pdbx_poly_seq_scheme.entity_id 
_pdbx_poly_seq_scheme.seq_id 
_pdbx_poly_seq_scheme.mon_id 
_pdbx_poly_seq_scheme.ndb_seq_num 
_pdbx_poly_seq_scheme.pdb_seq_num 
_pdbx_poly_seq_scheme.auth_seq_num 
_pdbx_poly_seq_scheme.pdb_mon_id 
_pdbx_poly_seq_scheme.auth_mon_id 
_pdbx_poly_seq_scheme.pdb_strand_id 
_pdbx_poly_seq_scheme.pdb_ins_code 
_pdbx_poly_seq_scheme.hetero 
A 1 1  DA  1  1  1  DA  A   A . n 
A 1 2  DG  2  2  2  DG  G   A . n 
A 1 3  DT  3  3  3  DT  T   A . n 
A 1 4  DG  4  4  4  DG  G   A . n 
A 1 5  DA  5  5  5  DA  A   A . n 
A 1 6  DT  6  6  6  DT  T   A . n 
A 1 7  DC  7  7  7  DC  C   A . n 
A 1 8  DT  8  8  8  DT  T   A . n 
A 1 9  DA  9  9  9  DA  A   A . n 
A 1 10 DC  10 10 10 DC  C   A . n 
B 2 1  GPN 1  1  1  GPN GPN B . n 
B 2 2  TPN 2  2  2  TPN TPN B . n 
B 2 3  APN 3  3  3  APN APN B . n 
B 2 4  GPN 4  4  4  GPN GPN B . n 
B 2 5  A66 5  5  5  A66 A66 B . n 
B 2 6  T66 6  6  6  T66 T66 B . n 
B 2 7  C66 7  7  7  C66 C66 B . n 
B 2 8  APN 8  8  8  APN APN B . n 
B 2 9  CPN 9  9  9  CPN CPN B . n 
B 2 10 TPN 10 10 10 TPN TPN B . n 
B 2 11 NH2 11 11 11 NH2 NH2 B . n 
# 
loop_
_pdbx_nonpoly_scheme.asym_id 
_pdbx_nonpoly_scheme.entity_id 
_pdbx_nonpoly_scheme.mon_id 
_pdbx_nonpoly_scheme.ndb_seq_num 
_pdbx_nonpoly_scheme.pdb_seq_num 
_pdbx_nonpoly_scheme.auth_seq_num 
_pdbx_nonpoly_scheme.pdb_mon_id 
_pdbx_nonpoly_scheme.auth_mon_id 
_pdbx_nonpoly_scheme.pdb_strand_id 
_pdbx_nonpoly_scheme.pdb_ins_code 
C 3 MG  1  9001 9001 MG  MG  B . 
D 4 HOH 1  11   5    HOH HOH A . 
D 4 HOH 2  12   9    HOH HOH A . 
D 4 HOH 3  13   11   HOH HOH A . 
D 4 HOH 4  14   12   HOH HOH A . 
D 4 HOH 5  15   13   HOH HOH A . 
D 4 HOH 6  16   14   HOH HOH A . 
D 4 HOH 7  17   17   HOH HOH A . 
D 4 HOH 8  18   22   HOH HOH A . 
D 4 HOH 9  19   24   HOH HOH A . 
D 4 HOH 10 20   25   HOH HOH A . 
D 4 HOH 11 21   26   HOH HOH A . 
D 4 HOH 12 22   28   HOH HOH A . 
D 4 HOH 13 23   29   HOH HOH A . 
D 4 HOH 14 24   30   HOH HOH A . 
D 4 HOH 15 25   33   HOH HOH A . 
D 4 HOH 16 26   34   HOH HOH A . 
D 4 HOH 17 27   35   HOH HOH A . 
D 4 HOH 18 28   36   HOH HOH A . 
D 4 HOH 19 29   37   HOH HOH A . 
D 4 HOH 20 30   38   HOH HOH A . 
D 4 HOH 21 31   39   HOH HOH A . 
D 4 HOH 22 32   40   HOH HOH A . 
D 4 HOH 23 33   41   HOH HOH A . 
D 4 HOH 24 34   42   HOH HOH A . 
D 4 HOH 25 35   47   HOH HOH A . 
D 4 HOH 26 36   51   HOH HOH A . 
D 4 HOH 27 37   52   HOH HOH A . 
D 4 HOH 28 38   54   HOH HOH A . 
D 4 HOH 29 39   55   HOH HOH A . 
D 4 HOH 30 40   56   HOH HOH A . 
D 4 HOH 31 41   57   HOH HOH A . 
D 4 HOH 32 42   61   HOH HOH A . 
D 4 HOH 33 43   62   HOH HOH A . 
D 4 HOH 34 44   63   HOH HOH A . 
D 4 HOH 35 45   66   HOH HOH A . 
D 4 HOH 36 46   67   HOH HOH A . 
D 4 HOH 37 47   68   HOH HOH A . 
D 4 HOH 38 48   69   HOH HOH A . 
D 4 HOH 39 49   70   HOH HOH A . 
D 4 HOH 40 50   72   HOH HOH A . 
D 4 HOH 41 51   75   HOH HOH A . 
D 4 HOH 42 52   79   HOH HOH A . 
E 4 HOH 1  9002 1    HOH HOH B . 
E 4 HOH 2  9003 2    HOH HOH B . 
E 4 HOH 3  9004 3    HOH HOH B . 
E 4 HOH 4  9005 4    HOH HOH B . 
E 4 HOH 5  9006 6    HOH HOH B . 
E 4 HOH 6  9007 7    HOH HOH B . 
E 4 HOH 7  9008 8    HOH HOH B . 
E 4 HOH 8  9009 10   HOH HOH B . 
E 4 HOH 9  9010 15   HOH HOH B . 
E 4 HOH 10 9011 16   HOH HOH B . 
E 4 HOH 11 9012 18   HOH HOH B . 
E 4 HOH 12 9013 19   HOH HOH B . 
E 4 HOH 13 9014 20   HOH HOH B . 
E 4 HOH 14 9015 21   HOH HOH B . 
E 4 HOH 15 9016 23   HOH HOH B . 
E 4 HOH 16 9017 27   HOH HOH B . 
E 4 HOH 17 9018 31   HOH HOH B . 
E 4 HOH 18 9019 32   HOH HOH B . 
E 4 HOH 19 9020 43   HOH HOH B . 
E 4 HOH 20 9021 44   HOH HOH B . 
E 4 HOH 21 9022 45   HOH HOH B . 
E 4 HOH 22 9023 46   HOH HOH B . 
E 4 HOH 23 9024 48   HOH HOH B . 
E 4 HOH 24 9025 49   HOH HOH B . 
E 4 HOH 25 9026 50   HOH HOH B . 
E 4 HOH 26 9027 53   HOH HOH B . 
E 4 HOH 27 9028 58   HOH HOH B . 
E 4 HOH 28 9029 59   HOH HOH B . 
E 4 HOH 29 9030 60   HOH HOH B . 
E 4 HOH 30 9031 64   HOH HOH B . 
E 4 HOH 31 9032 65   HOH HOH B . 
E 4 HOH 32 9033 71   HOH HOH B . 
E 4 HOH 33 9034 73   HOH HOH B . 
E 4 HOH 34 9035 74   HOH HOH B . 
E 4 HOH 35 9036 76   HOH HOH B . 
E 4 HOH 36 9037 77   HOH HOH B . 
E 4 HOH 37 9038 78   HOH HOH B . 
E 4 HOH 38 9039 80   HOH HOH B . 
# 
loop_
_software.name 
_software.classification 
_software.version 
_software.citation_id 
_software.pdbx_ordinal 
DENZO     'data reduction' .   ? 1 
SCALEPACK 'data scaling'   .   ? 2 
SOLVE     phasing          .   ? 3 
CNS       refinement       1.1 ? 4 
# 
_cell.entry_id           1NR8 
_cell.length_a           34.94 
_cell.length_b           34.94 
_cell.length_c           35.80 
_cell.angle_alpha        90.00 
_cell.angle_beta         90.00 
_cell.angle_gamma        120.00 
_cell.Z_PDB              3 
_cell.pdbx_unique_axis   ? 
# 
_symmetry.entry_id                         1NR8 
_symmetry.space_group_name_H-M             'P 31' 
_symmetry.cell_setting                     trigonal 
_symmetry.pdbx_full_space_group_name_H-M   ? 
_symmetry.Int_Tables_number                144 
# 
_exptl.entry_id          1NR8 
_exptl.method            'X-RAY DIFFRACTION' 
_exptl.crystals_number   1 
# 
loop_
_exptl_crystal.id 
_exptl_crystal.density_percent_sol 
_exptl_crystal.density_Matthews 
_exptl_crystal.density_meas 
_exptl_crystal.description 
1 31.5 1.81 ? ? 
2 ?    ?    ? ? 
# 
loop_
_exptl_crystal_grow.crystal_id 
_exptl_crystal_grow.method 
_exptl_crystal_grow.temp 
_exptl_crystal_grow.pH 
_exptl_crystal_grow.pdbx_details 
_exptl_crystal_grow.temp_details 
_exptl_crystal_grow.pdbx_pH_range 
1 'VAPOR DIFFUSION, HANGING DROP' 298 6.3 
'PEG 8000, AMMONIUM ACETATE, SODIUM CACODYLATE, pH 6.3, VAPOR DIFFUSION, HANGING DROP, temperature 298K' ? . 
2 'VAPOR DIFFUSION, HANGING DROP' 298 6.0 
'ISOPROPANOL, MAGNESIUM CHLORIDE, MES, pH 6.0, VAPOR DIFFUSION, HANGING DROP, temperature 298K'          ? . 
# 
loop_
_exptl_crystal_grow_comp.crystal_id 
_exptl_crystal_grow_comp.id 
_exptl_crystal_grow_comp.sol_id 
_exptl_crystal_grow_comp.name 
_exptl_crystal_grow_comp.conc 
_exptl_crystal_grow_comp.volume 
_exptl_crystal_grow_comp.details 
1 1  1 'AMMONIUM ACETATE' ? ? ? 
1 2  1 'PEG 8000'         ? ? ? 
1 3  1 'Na CACODYLATE'    ? ? ? 
1 4  2 'AMMONIUM ACETATE' ? ? ? 
1 5  2 'PEG 8000'         ? ? ? 
2 6  1 MgCl2              ? ? ? 
2 7  1 MES                ? ? ? 
2 8  1 ISOPROPANOL        ? ? ? 
2 9  2 MgCl2              ? ? ? 
2 10 2 ISOPROPANOL        ? ? ? 
# 
loop_
_diffrn.id 
_diffrn.ambient_temp 
_diffrn.ambient_temp_details 
_diffrn.crystal_id 
1 100 ? 1 
2 100 ? 2 
# 
loop_
_diffrn_detector.diffrn_id 
_diffrn_detector.detector 
_diffrn_detector.type 
_diffrn_detector.pdbx_collection_date 
_diffrn_detector.details 
1 CCD MARRESEARCH 2002-02-11 ? 
2 CCD MARRESEARCH ?          ? 
# 
_diffrn_radiation.diffrn_id                        2 
_diffrn_radiation.wavelength_id                    1 
_diffrn_radiation.pdbx_monochromatic_or_laue_m_l   M 
_diffrn_radiation.monochromator                    ? 
_diffrn_radiation.pdbx_diffrn_protocol             SAD 
_diffrn_radiation.pdbx_scattering_type             x-ray 
# 
loop_
_diffrn_radiation_wavelength.id 
_diffrn_radiation_wavelength.wavelength 
_diffrn_radiation_wavelength.wt 
1 1.200 1.0 
2 0.918 1.0 
# 
loop_
_diffrn_source.diffrn_id 
_diffrn_source.source 
_diffrn_source.type 
_diffrn_source.pdbx_synchrotron_site 
_diffrn_source.pdbx_synchrotron_beamline 
_diffrn_source.pdbx_wavelength 
_diffrn_source.pdbx_wavelength_list 
1 SYNCHROTRON 'ESRF BEAMLINE ID14-1'  ESRF    ID14-1 ? 1.200 
2 SYNCHROTRON 'ELETTRA BEAMLINE 5.2R' ELETTRA 5.2R   ? 0.918 
# 
_reflns.entry_id                     1NR8 
_reflns.observed_criterion_sigma_F   0 
_reflns.observed_criterion_sigma_I   0 
_reflns.d_resolution_high            1.66 
_reflns.d_resolution_low             20.0 
_reflns.number_all                   5429 
_reflns.number_obs                   5429 
_reflns.percent_possible_obs         97.8 
_reflns.pdbx_Rmerge_I_obs            ? 
_reflns.pdbx_Rsym_value              0.06 
_reflns.pdbx_netI_over_sigmaI        15.4 
_reflns.B_iso_Wilson_estimate        ? 
_reflns.pdbx_redundancy              ? 
_reflns.R_free_details               ? 
_reflns.pdbx_ordinal                 1 
_reflns.pdbx_diffrn_id               2 
# 
_reflns_shell.d_res_high             1.66 
_reflns_shell.d_res_low              1.72 
_reflns_shell.percent_possible_all   95.1 
_reflns_shell.Rmerge_I_obs           ? 
_reflns_shell.pdbx_Rsym_value        0.185 
_reflns_shell.meanI_over_sigI_obs    5.1 
_reflns_shell.pdbx_redundancy        ? 
_reflns_shell.percent_possible_obs   ? 
_reflns_shell.number_unique_all      525 
_reflns_shell.pdbx_ordinal           1 
_reflns_shell.pdbx_diffrn_id         2 
# 
_refine.entry_id                                 1NR8 
_refine.ls_d_res_high                            1.66 
_refine.ls_d_res_low                             20.0 
_refine.pdbx_ls_sigma_F                          0 
_refine.pdbx_ls_sigma_I                          ? 
_refine.ls_number_reflns_all                     5429 
_refine.ls_number_reflns_obs                     5429 
_refine.ls_number_reflns_R_free                  579 
_refine.ls_percent_reflns_obs                    ? 
_refine.ls_R_factor_all                          0.214 
_refine.ls_R_factor_obs                          0.214 
_refine.ls_R_factor_R_work                       0.197 
_refine.ls_R_factor_R_free                       0.228 
_refine.ls_redundancy_reflns_obs                 ? 
_refine.pdbx_data_cutoff_high_absF               ? 
_refine.pdbx_data_cutoff_low_absF                ? 
_refine.ls_number_parameters                     ? 
_refine.ls_number_restraints                     ? 
_refine.ls_percent_reflns_R_free                 10.7 
_refine.ls_R_factor_R_free_error                 ? 
_refine.ls_R_factor_R_free_error_details         ? 
_refine.pdbx_method_to_determine_struct          SAD 
_refine.pdbx_starting_model                      ? 
_refine.pdbx_ls_cross_valid_method               THROUGHOUT 
_refine.pdbx_R_Free_selection_details            RANDOM 
_refine.pdbx_stereochem_target_val_spec_case     ? 
_refine.pdbx_stereochemistry_target_values       'Engh & Huber' 
_refine.solvent_model_details                    ? 
_refine.solvent_model_param_bsol                 ? 
_refine.solvent_model_param_ksol                 ? 
_refine.occupancy_max                            ? 
_refine.occupancy_min                            ? 
_refine.pdbx_isotropic_thermal_model             ? 
_refine.B_iso_mean                               ? 
_refine.aniso_B[1][1]                            ? 
_refine.aniso_B[1][2]                            ? 
_refine.aniso_B[1][3]                            ? 
_refine.aniso_B[2][2]                            ? 
_refine.aniso_B[2][3]                            ? 
_refine.aniso_B[3][3]                            ? 
_refine.details                                  ? 
_refine.correlation_coeff_Fo_to_Fc               ? 
_refine.correlation_coeff_Fo_to_Fc_free          ? 
_refine.pdbx_solvent_vdw_probe_radii             ? 
_refine.pdbx_solvent_ion_probe_radii             ? 
_refine.pdbx_solvent_shrinkage_radii             ? 
_refine.overall_SU_R_Cruickshank_DPI             ? 
_refine.overall_SU_R_free                        ? 
_refine.overall_SU_B                             ? 
_refine.overall_SU_ML                            ? 
_refine.pdbx_overall_ESU_R                       ? 
_refine.pdbx_overall_ESU_R_Free                  ? 
_refine.pdbx_data_cutoff_high_rms_absF           ? 
_refine.pdbx_refine_id                           'X-RAY DIFFRACTION' 
_refine.pdbx_diffrn_id                           2 
_refine.pdbx_TLS_residual_ADP_flag               ? 
_refine.pdbx_overall_phase_error                 ? 
_refine.pdbx_overall_SU_R_free_Cruickshank_DPI   ? 
_refine.pdbx_overall_SU_R_Blow_DPI               ? 
_refine.pdbx_overall_SU_R_free_Blow_DPI          ? 
# 
_refine_hist.pdbx_refine_id                   'X-RAY DIFFRACTION' 
_refine_hist.cycle_id                         LAST 
_refine_hist.pdbx_number_atoms_protein        211 
_refine_hist.pdbx_number_atoms_nucleic_acid   202 
_refine_hist.pdbx_number_atoms_ligand         1 
_refine_hist.number_atoms_solvent             80 
_refine_hist.number_atoms_total               494 
_refine_hist.d_res_high                       1.66 
_refine_hist.d_res_low                        20.0 
# 
loop_
_refine_ls_restr.type 
_refine_ls_restr.dev_ideal 
_refine_ls_restr.dev_ideal_target 
_refine_ls_restr.weight 
_refine_ls_restr.number 
_refine_ls_restr.pdbx_refine_id 
_refine_ls_restr.pdbx_restraint_function 
c_bond_d    0.011 ? ? ? 'X-RAY DIFFRACTION' ? 
c_angle_deg 1.11  ? ? ? 'X-RAY DIFFRACTION' ? 
# 
_struct.entry_id                  1NR8 
_struct.title                     'The crystal structure of a D-Lysine-based chiral PNA-DNA duplex' 
_struct.pdbx_model_details        ? 
_struct.pdbx_CASP_flag            ? 
_struct.pdbx_model_type_details   ? 
# 
_struct_keywords.entry_id        1NR8 
_struct_keywords.pdbx_keywords   'DNA/PEPTIDE NUCLEIC ACID' 
_struct_keywords.text            'CHIRAL PEPTIDE NUCLEIC ACID, DOUBLE STRANDED HELIX, P-FORM, DNA-PEPTIDE NUCLEIC ACID COMPLEX' 
# 
loop_
_struct_asym.id 
_struct_asym.pdbx_blank_PDB_chainid_flag 
_struct_asym.pdbx_modified 
_struct_asym.entity_id 
_struct_asym.details 
A N N 1 ? 
B N N 2 ? 
C N N 3 ? 
D N N 4 ? 
E N N 4 ? 
# 
loop_
_struct_ref.id 
_struct_ref.entity_id 
_struct_ref.db_name 
_struct_ref.db_code 
_struct_ref.pdbx_db_accession 
_struct_ref.pdbx_db_isoform 
_struct_ref.pdbx_seq_one_letter_code 
_struct_ref.pdbx_align_begin 
1 1 PDB 1NR8 1NR8 ? ? ? 
2 2 PDB 1NR8 1NR8 ? ? ? 
# 
loop_
_struct_ref_seq.align_id 
_struct_ref_seq.ref_id 
_struct_ref_seq.pdbx_PDB_id_code 
_struct_ref_seq.pdbx_strand_id 
_struct_ref_seq.seq_align_beg 
_struct_ref_seq.pdbx_seq_align_beg_ins_code 
_struct_ref_seq.seq_align_end 
_struct_ref_seq.pdbx_seq_align_end_ins_code 
_struct_ref_seq.pdbx_db_accession 
_struct_ref_seq.db_align_beg 
_struct_ref_seq.pdbx_db_align_beg_ins_code 
_struct_ref_seq.db_align_end 
_struct_ref_seq.pdbx_db_align_end_ins_code 
_struct_ref_seq.pdbx_auth_seq_align_beg 
_struct_ref_seq.pdbx_auth_seq_align_end 
1 1 1NR8 A 1 ? 10 ? 1NR8 1 ? 10 ? 1 10 
2 2 1NR8 B 1 ? 11 ? 1NR8 1 ? 11 ? 1 11 
# 
_pdbx_struct_assembly.id                   1 
_pdbx_struct_assembly.details              author_defined_assembly 
_pdbx_struct_assembly.method_details       ? 
_pdbx_struct_assembly.oligomeric_details   dimeric 
_pdbx_struct_assembly.oligomeric_count     2 
# 
_pdbx_struct_assembly_gen.assembly_id       1 
_pdbx_struct_assembly_gen.oper_expression   1 
_pdbx_struct_assembly_gen.asym_id_list      A,B,C,D,E 
# 
_pdbx_struct_oper_list.id                   1 
_pdbx_struct_oper_list.type                 'identity operation' 
_pdbx_struct_oper_list.name                 1_555 
_pdbx_struct_oper_list.symmetry_operation   x,y,z 
_pdbx_struct_oper_list.matrix[1][1]         1.0000000000 
_pdbx_struct_oper_list.matrix[1][2]         0.0000000000 
_pdbx_struct_oper_list.matrix[1][3]         0.0000000000 
_pdbx_struct_oper_list.vector[1]            0.0000000000 
_pdbx_struct_oper_list.matrix[2][1]         0.0000000000 
_pdbx_struct_oper_list.matrix[2][2]         1.0000000000 
_pdbx_struct_oper_list.matrix[2][3]         0.0000000000 
_pdbx_struct_oper_list.vector[2]            0.0000000000 
_pdbx_struct_oper_list.matrix[3][1]         0.0000000000 
_pdbx_struct_oper_list.matrix[3][2]         0.0000000000 
_pdbx_struct_oper_list.matrix[3][3]         1.0000000000 
_pdbx_struct_oper_list.vector[3]            0.0000000000 
# 
_struct_biol.id                    1 
_struct_biol.pdbx_parent_biol_id   ? 
_struct_biol.details               ? 
# 
loop_
_struct_conn.id 
_struct_conn.conn_type_id 
_struct_conn.pdbx_leaving_atom_flag 
_struct_conn.pdbx_PDB_id 
_struct_conn.ptnr1_label_asym_id 
_struct_conn.ptnr1_label_comp_id 
_struct_conn.ptnr1_label_seq_id 
_struct_conn.ptnr1_label_atom_id 
_struct_conn.pdbx_ptnr1_label_alt_id 
_struct_conn.pdbx_ptnr1_PDB_ins_code 
_struct_conn.pdbx_ptnr1_standard_comp_id 
_struct_conn.ptnr1_symmetry 
_struct_conn.ptnr2_label_asym_id 
_struct_conn.ptnr2_label_comp_id 
_struct_conn.ptnr2_label_seq_id 
_struct_conn.ptnr2_label_atom_id 
_struct_conn.pdbx_ptnr2_label_alt_id 
_struct_conn.pdbx_ptnr2_PDB_ins_code 
_struct_conn.ptnr1_auth_asym_id 
_struct_conn.ptnr1_auth_comp_id 
_struct_conn.ptnr1_auth_seq_id 
_struct_conn.ptnr2_auth_asym_id 
_struct_conn.ptnr2_auth_comp_id 
_struct_conn.ptnr2_auth_seq_id 
_struct_conn.ptnr2_symmetry 
_struct_conn.pdbx_ptnr3_label_atom_id 
_struct_conn.pdbx_ptnr3_label_seq_id 
_struct_conn.pdbx_ptnr3_label_comp_id 
_struct_conn.pdbx_ptnr3_label_asym_id 
_struct_conn.pdbx_ptnr3_label_alt_id 
_struct_conn.pdbx_ptnr3_PDB_ins_code 
_struct_conn.details 
_struct_conn.pdbx_dist_value 
_struct_conn.pdbx_value_order 
_struct_conn.pdbx_role 
covale1  covale both ? B GPN 1  C     ? ? ? 1_555 B TPN 2  N     ? ? B GPN 1    B TPN 2    1_555 ? ? ? ? ? ? ?            1.331 ? 
? 
covale2  covale both ? B TPN 2  C     ? ? ? 1_555 B APN 3  N     ? ? B TPN 2    B APN 3    1_555 ? ? ? ? ? ? ?            1.330 ? 
? 
covale3  covale both ? B APN 3  C     ? ? ? 1_555 B GPN 4  N     ? ? B APN 3    B GPN 4    1_555 ? ? ? ? ? ? ?            1.336 ? 
? 
covale4  covale one  ? B GPN 4  C     ? ? ? 1_555 B A66 5  "N1'" ? ? B GPN 4    B A66 5    1_555 ? ? ? ? ? ? ?            1.333 ? 
? 
covale5  covale one  ? B A66 5  C     ? ? ? 1_555 B T66 6  "N1'" ? ? B A66 5    B T66 6    1_555 ? ? ? ? ? ? ?            1.336 ? 
? 
covale6  covale one  ? B T66 6  "C'"  ? ? ? 1_555 B C66 7  "N1'" ? ? B T66 6    B C66 7    1_555 ? ? ? ? ? ? ?            1.320 ? 
? 
covale7  covale both ? B C66 7  "C'"  ? ? ? 1_555 B APN 8  N     ? ? B C66 7    B APN 8    1_555 ? ? ? ? ? ? ?            1.336 ? 
? 
covale8  covale both ? B APN 8  C     ? ? ? 1_555 B CPN 9  N     ? ? B APN 8    B CPN 9    1_555 ? ? ? ? ? ? ?            1.328 ? 
? 
covale9  covale both ? B CPN 9  C     ? ? ? 1_555 B TPN 10 N     ? ? B CPN 9    B TPN 10   1_555 ? ? ? ? ? ? ?            1.333 ? 
? 
covale10 covale both ? B TPN 10 C     ? ? ? 1_555 B NH2 11 N     ? ? B TPN 10   B NH2 11   1_555 ? ? ? ? ? ? ?            1.324 ? 
? 
metalc1  metalc ?    ? B GPN 4  N3    ? ? ? 1_555 C MG  .  MG    ? ? B GPN 4    B MG  9001 1_555 ? ? ? ? ? ? ?            2.851 ? 
? 
metalc2  metalc ?    ? B A66 5  "N1'" ? ? ? 1_555 C MG  .  MG    ? ? B A66 5    B MG  9001 1_555 ? ? ? ? ? ? ?            3.095 ? 
? 
metalc3  metalc ?    ? C MG  .  MG    ? ? ? 1_555 E HOH .  O     ? ? B MG  9001 B HOH 9017 1_555 ? ? ? ? ? ? ?            2.810 ? 
? 
hydrog1  hydrog ?    ? A DA  1  N1    ? ? ? 1_555 B TPN 10 N3    ? ? A DA  1    B TPN 10   1_555 ? ? ? ? ? ? WATSON-CRICK ?     ? 
? 
hydrog2  hydrog ?    ? A DA  1  N6    ? ? ? 1_555 B TPN 10 O4    ? ? A DA  1    B TPN 10   1_555 ? ? ? ? ? ? WATSON-CRICK ?     ? 
? 
hydrog3  hydrog ?    ? A DG  2  N1    ? ? ? 1_555 B CPN 9  N3    ? ? A DG  2    B CPN 9    1_555 ? ? ? ? ? ? WATSON-CRICK ?     ? 
? 
hydrog4  hydrog ?    ? A DG  2  N2    ? ? ? 1_555 B CPN 9  O2    ? ? A DG  2    B CPN 9    1_555 ? ? ? ? ? ? WATSON-CRICK ?     ? 
? 
hydrog5  hydrog ?    ? A DG  2  O6    ? ? ? 1_555 B CPN 9  N4    ? ? A DG  2    B CPN 9    1_555 ? ? ? ? ? ? WATSON-CRICK ?     ? 
? 
hydrog6  hydrog ?    ? A DT  3  N3    ? ? ? 1_555 B APN 8  N1    ? ? A DT  3    B APN 8    1_555 ? ? ? ? ? ? WATSON-CRICK ?     ? 
? 
hydrog7  hydrog ?    ? A DT  3  O4    ? ? ? 1_555 B APN 8  N6    ? ? A DT  3    B APN 8    1_555 ? ? ? ? ? ? WATSON-CRICK ?     ? 
? 
hydrog8  hydrog ?    ? A DC  7  N3    ? ? ? 1_555 B GPN 4  N1    ? ? A DC  7    B GPN 4    1_555 ? ? ? ? ? ? WATSON-CRICK ?     ? 
? 
hydrog9  hydrog ?    ? A DC  7  N4    ? ? ? 1_555 B GPN 4  O6    ? ? A DC  7    B GPN 4    1_555 ? ? ? ? ? ? WATSON-CRICK ?     ? 
? 
hydrog10 hydrog ?    ? A DC  7  O2    ? ? ? 1_555 B GPN 4  N2    ? ? A DC  7    B GPN 4    1_555 ? ? ? ? ? ? WATSON-CRICK ?     ? 
? 
hydrog11 hydrog ?    ? A DT  8  N3    ? ? ? 1_555 B APN 3  N1    ? ? A DT  8    B APN 3    1_555 ? ? ? ? ? ? WATSON-CRICK ?     ? 
? 
hydrog12 hydrog ?    ? A DT  8  O4    ? ? ? 1_555 B APN 3  N6    ? ? A DT  8    B APN 3    1_555 ? ? ? ? ? ? WATSON-CRICK ?     ? 
? 
hydrog13 hydrog ?    ? A DA  9  N1    ? ? ? 1_555 B TPN 2  N3    ? ? A DA  9    B TPN 2    1_555 ? ? ? ? ? ? WATSON-CRICK ?     ? 
? 
hydrog14 hydrog ?    ? A DA  9  N6    ? ? ? 1_555 B TPN 2  O4    ? ? A DA  9    B TPN 2    1_555 ? ? ? ? ? ? WATSON-CRICK ?     ? 
? 
hydrog15 hydrog ?    ? A DC  10 N3    ? ? ? 1_555 B GPN 1  N1    ? ? A DC  10   B GPN 1    1_555 ? ? ? ? ? ? WATSON-CRICK ?     ? 
? 
hydrog16 hydrog ?    ? A DC  10 N4    ? ? ? 1_555 B GPN 1  O6    ? ? A DC  10   B GPN 1    1_555 ? ? ? ? ? ? WATSON-CRICK ?     ? 
? 
hydrog17 hydrog ?    ? A DC  10 O2    ? ? ? 1_555 B GPN 1  N2    ? ? A DC  10   B GPN 1    1_555 ? ? ? ? ? ? WATSON-CRICK ?     ? 
? 
# 
loop_
_struct_conn_type.id 
_struct_conn_type.criteria 
_struct_conn_type.reference 
covale ? ? 
metalc ? ? 
hydrog ? ? 
# 
loop_
_pdbx_struct_conn_angle.id 
_pdbx_struct_conn_angle.ptnr1_label_atom_id 
_pdbx_struct_conn_angle.ptnr1_label_alt_id 
_pdbx_struct_conn_angle.ptnr1_label_asym_id 
_pdbx_struct_conn_angle.ptnr1_label_comp_id 
_pdbx_struct_conn_angle.ptnr1_label_seq_id 
_pdbx_struct_conn_angle.ptnr1_auth_atom_id 
_pdbx_struct_conn_angle.ptnr1_auth_asym_id 
_pdbx_struct_conn_angle.ptnr1_auth_comp_id 
_pdbx_struct_conn_angle.ptnr1_auth_seq_id 
_pdbx_struct_conn_angle.ptnr1_PDB_ins_code 
_pdbx_struct_conn_angle.ptnr1_symmetry 
_pdbx_struct_conn_angle.ptnr2_label_atom_id 
_pdbx_struct_conn_angle.ptnr2_label_alt_id 
_pdbx_struct_conn_angle.ptnr2_label_asym_id 
_pdbx_struct_conn_angle.ptnr2_label_comp_id 
_pdbx_struct_conn_angle.ptnr2_label_seq_id 
_pdbx_struct_conn_angle.ptnr2_auth_atom_id 
_pdbx_struct_conn_angle.ptnr2_auth_asym_id 
_pdbx_struct_conn_angle.ptnr2_auth_comp_id 
_pdbx_struct_conn_angle.ptnr2_auth_seq_id 
_pdbx_struct_conn_angle.ptnr2_PDB_ins_code 
_pdbx_struct_conn_angle.ptnr2_symmetry 
_pdbx_struct_conn_angle.ptnr3_label_atom_id 
_pdbx_struct_conn_angle.ptnr3_label_alt_id 
_pdbx_struct_conn_angle.ptnr3_label_asym_id 
_pdbx_struct_conn_angle.ptnr3_label_comp_id 
_pdbx_struct_conn_angle.ptnr3_label_seq_id 
_pdbx_struct_conn_angle.ptnr3_auth_atom_id 
_pdbx_struct_conn_angle.ptnr3_auth_asym_id 
_pdbx_struct_conn_angle.ptnr3_auth_comp_id 
_pdbx_struct_conn_angle.ptnr3_auth_seq_id 
_pdbx_struct_conn_angle.ptnr3_PDB_ins_code 
_pdbx_struct_conn_angle.ptnr3_symmetry 
_pdbx_struct_conn_angle.value 
_pdbx_struct_conn_angle.value_esd 
1 N3    ? B GPN 4 ? B GPN 4 ? 1_555 MG ? C MG . ? B MG 9001 ? 1_555 "N1'" ? B A66 5 ? B A66 5    ? 1_555 120.1 ? 
2 N3    ? B GPN 4 ? B GPN 4 ? 1_555 MG ? C MG . ? B MG 9001 ? 1_555 O     ? E HOH . ? B HOH 9017 ? 1_555 90.8  ? 
3 "N1'" ? B A66 5 ? B A66 5 ? 1_555 MG ? C MG . ? B MG 9001 ? 1_555 O     ? E HOH . ? B HOH 9017 ? 1_555 117.8 ? 
# 
_struct_site.id                   AC1 
_struct_site.pdbx_evidence_code   Software 
_struct_site.pdbx_auth_asym_id    B 
_struct_site.pdbx_auth_comp_id    MG 
_struct_site.pdbx_auth_seq_id     9001 
_struct_site.pdbx_auth_ins_code   ? 
_struct_site.pdbx_num_residues    3 
_struct_site.details              'BINDING SITE FOR RESIDUE MG B 9001' 
# 
loop_
_struct_site_gen.id 
_struct_site_gen.site_id 
_struct_site_gen.pdbx_num_res 
_struct_site_gen.label_comp_id 
_struct_site_gen.label_asym_id 
_struct_site_gen.label_seq_id 
_struct_site_gen.pdbx_auth_ins_code 
_struct_site_gen.auth_comp_id 
_struct_site_gen.auth_asym_id 
_struct_site_gen.auth_seq_id 
_struct_site_gen.label_atom_id 
_struct_site_gen.label_alt_id 
_struct_site_gen.symmetry 
_struct_site_gen.details 
1 AC1 3 GPN B 4 ? GPN B 4    . ? 1_555 ? 
2 AC1 3 A66 B 5 ? A66 B 5    . ? 1_555 ? 
3 AC1 3 HOH E . ? HOH B 9017 . ? 1_555 ? 
# 
_pdbx_entry_details.entry_id                   1NR8 
_pdbx_entry_details.compound_details           ? 
_pdbx_entry_details.source_details             ? 
_pdbx_entry_details.nonpolymer_details         ? 
_pdbx_entry_details.sequence_details           ? 
_pdbx_entry_details.has_ligand_of_interest     ? 
_pdbx_entry_details.has_protein_modification   N 
# 
_pdbx_validate_planes.id              1 
_pdbx_validate_planes.PDB_model_num   1 
_pdbx_validate_planes.auth_comp_id    DA 
_pdbx_validate_planes.auth_asym_id    A 
_pdbx_validate_planes.auth_seq_id     9 
_pdbx_validate_planes.PDB_ins_code    ? 
_pdbx_validate_planes.label_alt_id    ? 
_pdbx_validate_planes.rmsd            0.066 
_pdbx_validate_planes.type            'SIDE CHAIN' 
# 
loop_
_pdbx_struct_mod_residue.id 
_pdbx_struct_mod_residue.label_asym_id 
_pdbx_struct_mod_residue.label_comp_id 
_pdbx_struct_mod_residue.label_seq_id 
_pdbx_struct_mod_residue.auth_asym_id 
_pdbx_struct_mod_residue.auth_comp_id 
_pdbx_struct_mod_residue.auth_seq_id 
_pdbx_struct_mod_residue.PDB_ins_code 
_pdbx_struct_mod_residue.parent_comp_id 
_pdbx_struct_mod_residue.details 
1 B GPN 1  B GPN 1  ? DG ? 
2 B TPN 2  B TPN 2  ? DT ? 
3 B APN 3  B APN 3  ? DA ? 
4 B GPN 4  B GPN 4  ? DG ? 
5 B APN 8  B APN 8  ? DA ? 
6 B CPN 9  B CPN 9  ? DC ? 
7 B TPN 10 B TPN 10 ? DT ? 
# 
_pdbx_unobs_or_zero_occ_residues.id               1 
_pdbx_unobs_or_zero_occ_residues.PDB_model_num    1 
_pdbx_unobs_or_zero_occ_residues.polymer_flag     Y 
_pdbx_unobs_or_zero_occ_residues.occupancy_flag   0 
_pdbx_unobs_or_zero_occ_residues.auth_asym_id     B 
_pdbx_unobs_or_zero_occ_residues.auth_comp_id     NH2 
_pdbx_unobs_or_zero_occ_residues.auth_seq_id      11 
_pdbx_unobs_or_zero_occ_residues.PDB_ins_code     ? 
_pdbx_unobs_or_zero_occ_residues.label_asym_id    B 
_pdbx_unobs_or_zero_occ_residues.label_comp_id    NH2 
_pdbx_unobs_or_zero_occ_residues.label_seq_id     11 
# 
loop_
_chem_comp_atom.comp_id 
_chem_comp_atom.atom_id 
_chem_comp_atom.type_symbol 
_chem_comp_atom.pdbx_aromatic_flag 
_chem_comp_atom.pdbx_stereo_config 
_chem_comp_atom.pdbx_ordinal 
A66 "C8'"  C  N N 1   
A66 "C7'"  C  N N 2   
A66 "O7'"  O  N N 3   
A66 CA     C  N R 4   
A66 C      C  N N 5   
A66 O      O  N N 6   
A66 OXT    O  N N 7   
A66 N      N  N N 8   
A66 "C3'"  C  N N 9   
A66 "C2'"  C  N N 10  
A66 "N1'"  N  N N 11  
A66 N9     N  Y N 12  
A66 C8     C  Y N 13  
A66 N7     N  Y N 14  
A66 C5     C  Y N 15  
A66 C6     C  Y N 16  
A66 N6     N  N N 17  
A66 N1     N  Y N 18  
A66 C2     C  Y N 19  
A66 N3     N  Y N 20  
A66 C4     C  Y N 21  
A66 CB     C  N N 22  
A66 CG     C  N N 23  
A66 CD     C  N N 24  
A66 CE     C  N N 25  
A66 NZ     N  N N 26  
A66 "H8'1" H  N N 27  
A66 "H8'2" H  N N 28  
A66 HA     H  N N 29  
A66 HXT    H  N N 30  
A66 "H3'1" H  N N 31  
A66 "H3'2" H  N N 32  
A66 "H2'1" H  N N 33  
A66 "H2'2" H  N N 34  
A66 "H1'1" H  N N 35  
A66 "H1'2" H  N N 36  
A66 H8     H  N N 37  
A66 HN61   H  N N 38  
A66 HN62   H  N N 39  
A66 H2     H  N N 40  
A66 HB3    H  N N 41  
A66 H1     H  N N 42  
A66 HG3    H  N N 43  
A66 H3     H  N N 44  
A66 HD3    H  N N 45  
A66 H4     H  N N 46  
A66 HE3    H  N N 47  
A66 H5     H  N N 48  
A66 HZ1    H  N N 49  
A66 HZ2    H  N N 50  
APN "C8'"  C  N N 51  
APN "C7'"  C  N N 52  
APN "O7'"  O  N N 53  
APN "C5'"  C  N N 54  
APN C      C  N N 55  
APN O      O  N N 56  
APN OXT    O  N N 57  
APN "N4'"  N  N N 58  
APN "C3'"  C  N N 59  
APN "C2'"  C  N N 60  
APN N      N  N N 61  
APN N9     N  Y N 62  
APN C8     C  Y N 63  
APN N7     N  Y N 64  
APN C5     C  Y N 65  
APN C6     C  Y N 66  
APN N6     N  N N 67  
APN N1     N  Y N 68  
APN C2     C  Y N 69  
APN N3     N  Y N 70  
APN C4     C  Y N 71  
APN "H8'1" H  N N 72  
APN "H8'2" H  N N 73  
APN "H5'1" H  N N 74  
APN "H5'2" H  N N 75  
APN HXT    H  N N 76  
APN "H3'1" H  N N 77  
APN "H3'2" H  N N 78  
APN "H2'1" H  N N 79  
APN "H2'2" H  N N 80  
APN H      H  N N 81  
APN H2     H  N N 82  
APN H3     H  N N 83  
APN H8     H  N N 84  
APN HN61   H  N N 85  
APN HN62   H  N N 86  
APN H21    H  N N 87  
C66 "C8'"  C  N N 88  
C66 "C7'"  C  N N 89  
C66 "O7'"  O  N N 90  
C66 "C5'"  C  N R 91  
C66 "C'"   C  N N 92  
C66 "O1'"  O  N N 93  
C66 OXT    O  N N 94  
C66 "N4'"  N  N N 95  
C66 "C3'"  C  N N 96  
C66 "C2'"  C  N N 97  
C66 "N1'"  N  N N 98  
C66 N1     N  N N 99  
C66 C2     C  N N 100 
C66 N3     N  N N 101 
C66 C4     C  N N 102 
C66 C5     C  N N 103 
C66 C6     C  N N 104 
C66 O2     O  N N 105 
C66 N4     N  N N 106 
C66 CB     C  N N 107 
C66 CG     C  N N 108 
C66 CD     C  N N 109 
C66 CE     C  N N 110 
C66 NZ     N  N N 111 
C66 "H8'1" H  N N 112 
C66 "H8'2" H  N N 113 
C66 "H5'1" H  N N 114 
C66 HXT    H  N N 115 
C66 "H3'1" H  N N 116 
C66 "H3'2" H  N N 117 
C66 "H2'1" H  N N 118 
C66 "H2'2" H  N N 119 
C66 "H1'1" H  N N 120 
C66 "H1'2" H  N N 121 
C66 H5     H  N N 122 
C66 H6     H  N N 123 
C66 HN41   H  N N 124 
C66 HN42   H  N N 125 
C66 HB1    H  N N 126 
C66 HB2    H  N N 127 
C66 HG1    H  N N 128 
C66 HG2    H  N N 129 
C66 HD1    H  N N 130 
C66 HD2    H  N N 131 
C66 HE1    H  N N 132 
C66 HE2    H  N N 133 
C66 HZ1    H  N N 134 
C66 HZ2    H  N N 135 
CPN "C8'"  C  N N 136 
CPN "C7'"  C  N N 137 
CPN "O7'"  O  N N 138 
CPN "C5'"  C  N N 139 
CPN C      C  N N 140 
CPN O      O  N N 141 
CPN OXT    O  N N 142 
CPN "N4'"  N  N N 143 
CPN "C3'"  C  N N 144 
CPN "C2'"  C  N N 145 
CPN N      N  N N 146 
CPN N1     N  N N 147 
CPN C2     C  N N 148 
CPN N3     N  N N 149 
CPN C4     C  N N 150 
CPN C5     C  N N 151 
CPN C6     C  N N 152 
CPN O2     O  N N 153 
CPN N4     N  N N 154 
CPN "H8'1" H  N N 155 
CPN "H8'2" H  N N 156 
CPN "H5'1" H  N N 157 
CPN "H5'2" H  N N 158 
CPN HXT    H  N N 159 
CPN "H3'1" H  N N 160 
CPN "H3'2" H  N N 161 
CPN "H2'1" H  N N 162 
CPN "H2'2" H  N N 163 
CPN H      H  N N 164 
CPN H2     H  N N 165 
CPN H3     H  N N 166 
CPN H5     H  N N 167 
CPN H6     H  N N 168 
CPN HN41   H  N N 169 
CPN HN42   H  N N 170 
DA  OP3    O  N N 171 
DA  P      P  N N 172 
DA  OP1    O  N N 173 
DA  OP2    O  N N 174 
DA  "O5'"  O  N N 175 
DA  "C5'"  C  N N 176 
DA  "C4'"  C  N R 177 
DA  "O4'"  O  N N 178 
DA  "C3'"  C  N S 179 
DA  "O3'"  O  N N 180 
DA  "C2'"  C  N N 181 
DA  "C1'"  C  N R 182 
DA  N9     N  Y N 183 
DA  C8     C  Y N 184 
DA  N7     N  Y N 185 
DA  C5     C  Y N 186 
DA  C6     C  Y N 187 
DA  N6     N  N N 188 
DA  N1     N  Y N 189 
DA  C2     C  Y N 190 
DA  N3     N  Y N 191 
DA  C4     C  Y N 192 
DA  HOP3   H  N N 193 
DA  HOP2   H  N N 194 
DA  "H5'"  H  N N 195 
DA  "H5''" H  N N 196 
DA  "H4'"  H  N N 197 
DA  "H3'"  H  N N 198 
DA  "HO3'" H  N N 199 
DA  "H2'"  H  N N 200 
DA  "H2''" H  N N 201 
DA  "H1'"  H  N N 202 
DA  H8     H  N N 203 
DA  H61    H  N N 204 
DA  H62    H  N N 205 
DA  H2     H  N N 206 
DC  OP3    O  N N 207 
DC  P      P  N N 208 
DC  OP1    O  N N 209 
DC  OP2    O  N N 210 
DC  "O5'"  O  N N 211 
DC  "C5'"  C  N N 212 
DC  "C4'"  C  N R 213 
DC  "O4'"  O  N N 214 
DC  "C3'"  C  N S 215 
DC  "O3'"  O  N N 216 
DC  "C2'"  C  N N 217 
DC  "C1'"  C  N R 218 
DC  N1     N  N N 219 
DC  C2     C  N N 220 
DC  O2     O  N N 221 
DC  N3     N  N N 222 
DC  C4     C  N N 223 
DC  N4     N  N N 224 
DC  C5     C  N N 225 
DC  C6     C  N N 226 
DC  HOP3   H  N N 227 
DC  HOP2   H  N N 228 
DC  "H5'"  H  N N 229 
DC  "H5''" H  N N 230 
DC  "H4'"  H  N N 231 
DC  "H3'"  H  N N 232 
DC  "HO3'" H  N N 233 
DC  "H2'"  H  N N 234 
DC  "H2''" H  N N 235 
DC  "H1'"  H  N N 236 
DC  H41    H  N N 237 
DC  H42    H  N N 238 
DC  H5     H  N N 239 
DC  H6     H  N N 240 
DG  OP3    O  N N 241 
DG  P      P  N N 242 
DG  OP1    O  N N 243 
DG  OP2    O  N N 244 
DG  "O5'"  O  N N 245 
DG  "C5'"  C  N N 246 
DG  "C4'"  C  N R 247 
DG  "O4'"  O  N N 248 
DG  "C3'"  C  N S 249 
DG  "O3'"  O  N N 250 
DG  "C2'"  C  N N 251 
DG  "C1'"  C  N R 252 
DG  N9     N  Y N 253 
DG  C8     C  Y N 254 
DG  N7     N  Y N 255 
DG  C5     C  Y N 256 
DG  C6     C  N N 257 
DG  O6     O  N N 258 
DG  N1     N  N N 259 
DG  C2     C  N N 260 
DG  N2     N  N N 261 
DG  N3     N  N N 262 
DG  C4     C  Y N 263 
DG  HOP3   H  N N 264 
DG  HOP2   H  N N 265 
DG  "H5'"  H  N N 266 
DG  "H5''" H  N N 267 
DG  "H4'"  H  N N 268 
DG  "H3'"  H  N N 269 
DG  "HO3'" H  N N 270 
DG  "H2'"  H  N N 271 
DG  "H2''" H  N N 272 
DG  "H1'"  H  N N 273 
DG  H8     H  N N 274 
DG  H1     H  N N 275 
DG  H21    H  N N 276 
DG  H22    H  N N 277 
DT  OP3    O  N N 278 
DT  P      P  N N 279 
DT  OP1    O  N N 280 
DT  OP2    O  N N 281 
DT  "O5'"  O  N N 282 
DT  "C5'"  C  N N 283 
DT  "C4'"  C  N R 284 
DT  "O4'"  O  N N 285 
DT  "C3'"  C  N S 286 
DT  "O3'"  O  N N 287 
DT  "C2'"  C  N N 288 
DT  "C1'"  C  N R 289 
DT  N1     N  N N 290 
DT  C2     C  N N 291 
DT  O2     O  N N 292 
DT  N3     N  N N 293 
DT  C4     C  N N 294 
DT  O4     O  N N 295 
DT  C5     C  N N 296 
DT  C7     C  N N 297 
DT  C6     C  N N 298 
DT  HOP3   H  N N 299 
DT  HOP2   H  N N 300 
DT  "H5'"  H  N N 301 
DT  "H5''" H  N N 302 
DT  "H4'"  H  N N 303 
DT  "H3'"  H  N N 304 
DT  "HO3'" H  N N 305 
DT  "H2'"  H  N N 306 
DT  "H2''" H  N N 307 
DT  "H1'"  H  N N 308 
DT  H3     H  N N 309 
DT  H71    H  N N 310 
DT  H72    H  N N 311 
DT  H73    H  N N 312 
DT  H6     H  N N 313 
GPN "C8'"  C  N N 314 
GPN "C7'"  C  N N 315 
GPN "O7'"  O  N N 316 
GPN "C5'"  C  N N 317 
GPN C      C  N N 318 
GPN O      O  N N 319 
GPN OXT    O  N N 320 
GPN "N4'"  N  N N 321 
GPN "C3'"  C  N N 322 
GPN "C2'"  C  N N 323 
GPN N      N  N N 324 
GPN N9     N  Y N 325 
GPN C8     C  Y N 326 
GPN N7     N  Y N 327 
GPN C5     C  Y N 328 
GPN C6     C  N N 329 
GPN O6     O  N N 330 
GPN N1     N  N N 331 
GPN C2     C  N N 332 
GPN N2     N  N N 333 
GPN N3     N  N N 334 
GPN C4     C  Y N 335 
GPN "H8'1" H  N N 336 
GPN "H8'2" H  N N 337 
GPN "H5'1" H  N N 338 
GPN "H5'2" H  N N 339 
GPN HXT    H  N N 340 
GPN "H3'1" H  N N 341 
GPN "H3'2" H  N N 342 
GPN "H2'1" H  N N 343 
GPN "H2'2" H  N N 344 
GPN H      H  N N 345 
GPN H2     H  N N 346 
GPN H3     H  N N 347 
GPN H8     H  N N 348 
GPN HN1    H  N N 349 
GPN HN21   H  N N 350 
GPN HN22   H  N N 351 
HOH O      O  N N 352 
HOH H1     H  N N 353 
HOH H2     H  N N 354 
MG  MG     MG N N 355 
NH2 N      N  N N 356 
NH2 HN1    H  N N 357 
NH2 HN2    H  N N 358 
T66 "C8'"  C  N N 359 
T66 "C7'"  C  N N 360 
T66 "O7'"  O  N N 361 
T66 "C5'"  C  N R 362 
T66 "C'"   C  N N 363 
T66 "O1'"  O  N N 364 
T66 OXT    O  N N 365 
T66 "N4'"  N  N N 366 
T66 "C3'"  C  N N 367 
T66 "C2'"  C  N N 368 
T66 "N1'"  N  N N 369 
T66 N1     N  N N 370 
T66 C6     C  N N 371 
T66 C2     C  N N 372 
T66 O2     O  N N 373 
T66 N3     N  N N 374 
T66 C4     C  N N 375 
T66 O4     O  N N 376 
T66 C5     C  N N 377 
T66 C5M    C  N N 378 
T66 CB     C  N N 379 
T66 CG     C  N N 380 
T66 CD     C  N N 381 
T66 CE     C  N N 382 
T66 NZ     N  N N 383 
T66 "H8'1" H  N N 384 
T66 "H8'2" H  N N 385 
T66 "H5'1" H  N N 386 
T66 HXT    H  N N 387 
T66 "H3'1" H  N N 388 
T66 "H3'2" H  N N 389 
T66 "H2'1" H  N N 390 
T66 "H2'2" H  N N 391 
T66 "H1'1" H  N N 392 
T66 "H1'2" H  N N 393 
T66 H6     H  N N 394 
T66 HN3    H  N N 395 
T66 HM51   H  N N 396 
T66 HM52   H  N N 397 
T66 HM53   H  N N 398 
T66 HB1    H  N N 399 
T66 HB2    H  N N 400 
T66 HG1    H  N N 401 
T66 HG2    H  N N 402 
T66 HD1    H  N N 403 
T66 HD2    H  N N 404 
T66 HE1    H  N N 405 
T66 HE2    H  N N 406 
T66 HZ1    H  N N 407 
T66 HZ2    H  N N 408 
TPN "C8'"  C  N N 409 
TPN "C7'"  C  N N 410 
TPN "O7'"  O  N N 411 
TPN "C5'"  C  N N 412 
TPN C      C  N N 413 
TPN O      O  N N 414 
TPN OXT    O  N N 415 
TPN "N4'"  N  N N 416 
TPN "C3'"  C  N N 417 
TPN "C2'"  C  N N 418 
TPN N      N  N N 419 
TPN N1     N  N N 420 
TPN C6     C  N N 421 
TPN C2     C  N N 422 
TPN O2     O  N N 423 
TPN N3     N  N N 424 
TPN C4     C  N N 425 
TPN O4     O  N N 426 
TPN C5     C  N N 427 
TPN C5M    C  N N 428 
TPN "H8'1" H  N N 429 
TPN "H8'2" H  N N 430 
TPN "H5'1" H  N N 431 
TPN "H5'2" H  N N 432 
TPN HXT    H  N N 433 
TPN "H3'1" H  N N 434 
TPN "H3'2" H  N N 435 
TPN "H2'1" H  N N 436 
TPN "H2'2" H  N N 437 
TPN H      H  N N 438 
TPN H2     H  N N 439 
TPN H3     H  N N 440 
TPN H6     H  N N 441 
TPN HN3    H  N N 442 
TPN HM51   H  N N 443 
TPN HM52   H  N N 444 
TPN HM53   H  N N 445 
# 
loop_
_chem_comp_bond.comp_id 
_chem_comp_bond.atom_id_1 
_chem_comp_bond.atom_id_2 
_chem_comp_bond.value_order 
_chem_comp_bond.pdbx_aromatic_flag 
_chem_comp_bond.pdbx_stereo_config 
_chem_comp_bond.pdbx_ordinal 
A66 "C8'" "C7'"  sing N N 1   
A66 "C8'" N9     sing N N 2   
A66 "C8'" "H8'1" sing N N 3   
A66 "C8'" "H8'2" sing N N 4   
A66 "C7'" "O7'"  doub N N 5   
A66 "C7'" N      sing N N 6   
A66 CA    C      sing N N 7   
A66 CA    N      sing N N 8   
A66 CA    CB     sing N N 9   
A66 CA    HA     sing N N 10  
A66 C     O      doub N N 11  
A66 C     OXT    sing N N 12  
A66 OXT   HXT    sing N N 13  
A66 N     "C3'"  sing N N 14  
A66 "C3'" "C2'"  sing N N 15  
A66 "C3'" "H3'1" sing N N 16  
A66 "C3'" "H3'2" sing N N 17  
A66 "C2'" "N1'"  sing N N 18  
A66 "C2'" "H2'1" sing N N 19  
A66 "C2'" "H2'2" sing N N 20  
A66 "N1'" "H1'1" sing N N 21  
A66 "N1'" "H1'2" sing N N 22  
A66 N9    C8     sing Y N 23  
A66 N9    C4     sing Y N 24  
A66 C8    N7     doub Y N 25  
A66 C8    H8     sing N N 26  
A66 N7    C5     sing Y N 27  
A66 C5    C6     sing Y N 28  
A66 C5    C4     doub Y N 29  
A66 C6    N6     sing N N 30  
A66 C6    N1     doub Y N 31  
A66 N6    HN61   sing N N 32  
A66 N6    HN62   sing N N 33  
A66 N1    C2     sing Y N 34  
A66 C2    N3     doub Y N 35  
A66 C2    H2     sing N N 36  
A66 N3    C4     sing Y N 37  
A66 CB    CG     sing N N 38  
A66 CB    HB3    sing N N 39  
A66 CB    H1     sing N N 40  
A66 CG    CD     sing N N 41  
A66 CG    HG3    sing N N 42  
A66 CG    H3     sing N N 43  
A66 CD    CE     sing N N 44  
A66 CD    HD3    sing N N 45  
A66 CD    H4     sing N N 46  
A66 CE    NZ     sing N N 47  
A66 CE    HE3    sing N N 48  
A66 CE    H5     sing N N 49  
A66 NZ    HZ1    sing N N 50  
A66 NZ    HZ2    sing N N 51  
APN "C8'" "C7'"  sing N N 52  
APN "C8'" N9     sing N N 53  
APN "C8'" "H8'1" sing N N 54  
APN "C8'" "H8'2" sing N N 55  
APN "C7'" "O7'"  doub N N 56  
APN "C7'" "N4'"  sing N N 57  
APN "C5'" C      sing N N 58  
APN "C5'" "N4'"  sing N N 59  
APN "C5'" "H5'1" sing N N 60  
APN "C5'" "H5'2" sing N N 61  
APN C     O      doub N N 62  
APN C     OXT    sing N N 63  
APN OXT   HXT    sing N N 64  
APN "N4'" "C3'"  sing N N 65  
APN "C3'" "C2'"  sing N N 66  
APN "C3'" "H3'1" sing N N 67  
APN "C3'" "H3'2" sing N N 68  
APN "C2'" N      sing N N 69  
APN "C2'" "H2'1" sing N N 70  
APN "C2'" "H2'2" sing N N 71  
APN N     H      sing N N 72  
APN N     H2     sing N N 73  
APN N     H3     sing N N 74  
APN N9    C8     sing Y N 75  
APN N9    C4     sing Y N 76  
APN C8    N7     doub Y N 77  
APN C8    H8     sing N N 78  
APN N7    C5     sing Y N 79  
APN C5    C6     sing Y N 80  
APN C5    C4     doub Y N 81  
APN C6    N6     sing N N 82  
APN C6    N1     doub Y N 83  
APN N6    HN61   sing N N 84  
APN N6    HN62   sing N N 85  
APN N1    C2     sing Y N 86  
APN C2    N3     doub Y N 87  
APN C2    H21    sing N N 88  
APN N3    C4     sing Y N 89  
C66 "C8'" "C7'"  sing N N 90  
C66 "C8'" N1     sing N N 91  
C66 "C8'" "H8'1" sing N N 92  
C66 "C8'" "H8'2" sing N N 93  
C66 "C7'" "O7'"  doub N N 94  
C66 "C7'" "N4'"  sing N N 95  
C66 "C5'" "C'"   sing N N 96  
C66 "C5'" "N4'"  sing N N 97  
C66 "C5'" CB     sing N N 98  
C66 "C5'" "H5'1" sing N N 99  
C66 "C'"  "O1'"  doub N N 100 
C66 "C'"  OXT    sing N N 101 
C66 OXT   HXT    sing N N 102 
C66 "N4'" "C3'"  sing N N 103 
C66 "C3'" "C2'"  sing N N 104 
C66 "C3'" "H3'1" sing N N 105 
C66 "C3'" "H3'2" sing N N 106 
C66 "C2'" "N1'"  sing N N 107 
C66 "C2'" "H2'1" sing N N 108 
C66 "C2'" "H2'2" sing N N 109 
C66 "N1'" "H1'1" sing N N 110 
C66 "N1'" "H1'2" sing N N 111 
C66 N1    C2     sing N N 112 
C66 N1    C6     sing N N 113 
C66 C2    N3     sing N N 114 
C66 C2    O2     doub N N 115 
C66 N3    C4     doub N N 116 
C66 C4    C5     sing N N 117 
C66 C4    N4     sing N N 118 
C66 C5    C6     doub N N 119 
C66 C5    H5     sing N N 120 
C66 C6    H6     sing N N 121 
C66 N4    HN41   sing N N 122 
C66 N4    HN42   sing N N 123 
C66 CB    CG     sing N N 124 
C66 CB    HB1    sing N N 125 
C66 CB    HB2    sing N N 126 
C66 CG    CD     sing N N 127 
C66 CG    HG1    sing N N 128 
C66 CG    HG2    sing N N 129 
C66 CD    CE     sing N N 130 
C66 CD    HD1    sing N N 131 
C66 CD    HD2    sing N N 132 
C66 CE    NZ     sing N N 133 
C66 CE    HE1    sing N N 134 
C66 CE    HE2    sing N N 135 
C66 NZ    HZ1    sing N N 136 
C66 NZ    HZ2    sing N N 137 
CPN "C8'" "C7'"  sing N N 138 
CPN "C8'" N1     sing N N 139 
CPN "C8'" "H8'1" sing N N 140 
CPN "C8'" "H8'2" sing N N 141 
CPN "C7'" "O7'"  doub N N 142 
CPN "C7'" "N4'"  sing N N 143 
CPN "C5'" C      sing N N 144 
CPN "C5'" "N4'"  sing N N 145 
CPN "C5'" "H5'1" sing N N 146 
CPN "C5'" "H5'2" sing N N 147 
CPN C     O      doub N N 148 
CPN C     OXT    sing N N 149 
CPN OXT   HXT    sing N N 150 
CPN "N4'" "C3'"  sing N N 151 
CPN "C3'" "C2'"  sing N N 152 
CPN "C3'" "H3'1" sing N N 153 
CPN "C3'" "H3'2" sing N N 154 
CPN "C2'" N      sing N N 155 
CPN "C2'" "H2'1" sing N N 156 
CPN "C2'" "H2'2" sing N N 157 
CPN N     H      sing N N 158 
CPN N     H2     sing N N 159 
CPN N     H3     sing N N 160 
CPN N1    C2     sing N N 161 
CPN N1    C6     sing N N 162 
CPN C2    N3     sing N N 163 
CPN C2    O2     doub N N 164 
CPN N3    C4     doub N N 165 
CPN C4    C5     sing N N 166 
CPN C4    N4     sing N N 167 
CPN C5    C6     doub N N 168 
CPN C5    H5     sing N N 169 
CPN C6    H6     sing N N 170 
CPN N4    HN41   sing N N 171 
CPN N4    HN42   sing N N 172 
DA  OP3   P      sing N N 173 
DA  OP3   HOP3   sing N N 174 
DA  P     OP1    doub N N 175 
DA  P     OP2    sing N N 176 
DA  P     "O5'"  sing N N 177 
DA  OP2   HOP2   sing N N 178 
DA  "O5'" "C5'"  sing N N 179 
DA  "C5'" "C4'"  sing N N 180 
DA  "C5'" "H5'"  sing N N 181 
DA  "C5'" "H5''" sing N N 182 
DA  "C4'" "O4'"  sing N N 183 
DA  "C4'" "C3'"  sing N N 184 
DA  "C4'" "H4'"  sing N N 185 
DA  "O4'" "C1'"  sing N N 186 
DA  "C3'" "O3'"  sing N N 187 
DA  "C3'" "C2'"  sing N N 188 
DA  "C3'" "H3'"  sing N N 189 
DA  "O3'" "HO3'" sing N N 190 
DA  "C2'" "C1'"  sing N N 191 
DA  "C2'" "H2'"  sing N N 192 
DA  "C2'" "H2''" sing N N 193 
DA  "C1'" N9     sing N N 194 
DA  "C1'" "H1'"  sing N N 195 
DA  N9    C8     sing Y N 196 
DA  N9    C4     sing Y N 197 
DA  C8    N7     doub Y N 198 
DA  C8    H8     sing N N 199 
DA  N7    C5     sing Y N 200 
DA  C5    C6     sing Y N 201 
DA  C5    C4     doub Y N 202 
DA  C6    N6     sing N N 203 
DA  C6    N1     doub Y N 204 
DA  N6    H61    sing N N 205 
DA  N6    H62    sing N N 206 
DA  N1    C2     sing Y N 207 
DA  C2    N3     doub Y N 208 
DA  C2    H2     sing N N 209 
DA  N3    C4     sing Y N 210 
DC  OP3   P      sing N N 211 
DC  OP3   HOP3   sing N N 212 
DC  P     OP1    doub N N 213 
DC  P     OP2    sing N N 214 
DC  P     "O5'"  sing N N 215 
DC  OP2   HOP2   sing N N 216 
DC  "O5'" "C5'"  sing N N 217 
DC  "C5'" "C4'"  sing N N 218 
DC  "C5'" "H5'"  sing N N 219 
DC  "C5'" "H5''" sing N N 220 
DC  "C4'" "O4'"  sing N N 221 
DC  "C4'" "C3'"  sing N N 222 
DC  "C4'" "H4'"  sing N N 223 
DC  "O4'" "C1'"  sing N N 224 
DC  "C3'" "O3'"  sing N N 225 
DC  "C3'" "C2'"  sing N N 226 
DC  "C3'" "H3'"  sing N N 227 
DC  "O3'" "HO3'" sing N N 228 
DC  "C2'" "C1'"  sing N N 229 
DC  "C2'" "H2'"  sing N N 230 
DC  "C2'" "H2''" sing N N 231 
DC  "C1'" N1     sing N N 232 
DC  "C1'" "H1'"  sing N N 233 
DC  N1    C2     sing N N 234 
DC  N1    C6     sing N N 235 
DC  C2    O2     doub N N 236 
DC  C2    N3     sing N N 237 
DC  N3    C4     doub N N 238 
DC  C4    N4     sing N N 239 
DC  C4    C5     sing N N 240 
DC  N4    H41    sing N N 241 
DC  N4    H42    sing N N 242 
DC  C5    C6     doub N N 243 
DC  C5    H5     sing N N 244 
DC  C6    H6     sing N N 245 
DG  OP3   P      sing N N 246 
DG  OP3   HOP3   sing N N 247 
DG  P     OP1    doub N N 248 
DG  P     OP2    sing N N 249 
DG  P     "O5'"  sing N N 250 
DG  OP2   HOP2   sing N N 251 
DG  "O5'" "C5'"  sing N N 252 
DG  "C5'" "C4'"  sing N N 253 
DG  "C5'" "H5'"  sing N N 254 
DG  "C5'" "H5''" sing N N 255 
DG  "C4'" "O4'"  sing N N 256 
DG  "C4'" "C3'"  sing N N 257 
DG  "C4'" "H4'"  sing N N 258 
DG  "O4'" "C1'"  sing N N 259 
DG  "C3'" "O3'"  sing N N 260 
DG  "C3'" "C2'"  sing N N 261 
DG  "C3'" "H3'"  sing N N 262 
DG  "O3'" "HO3'" sing N N 263 
DG  "C2'" "C1'"  sing N N 264 
DG  "C2'" "H2'"  sing N N 265 
DG  "C2'" "H2''" sing N N 266 
DG  "C1'" N9     sing N N 267 
DG  "C1'" "H1'"  sing N N 268 
DG  N9    C8     sing Y N 269 
DG  N9    C4     sing Y N 270 
DG  C8    N7     doub Y N 271 
DG  C8    H8     sing N N 272 
DG  N7    C5     sing Y N 273 
DG  C5    C6     sing N N 274 
DG  C5    C4     doub Y N 275 
DG  C6    O6     doub N N 276 
DG  C6    N1     sing N N 277 
DG  N1    C2     sing N N 278 
DG  N1    H1     sing N N 279 
DG  C2    N2     sing N N 280 
DG  C2    N3     doub N N 281 
DG  N2    H21    sing N N 282 
DG  N2    H22    sing N N 283 
DG  N3    C4     sing N N 284 
DT  OP3   P      sing N N 285 
DT  OP3   HOP3   sing N N 286 
DT  P     OP1    doub N N 287 
DT  P     OP2    sing N N 288 
DT  P     "O5'"  sing N N 289 
DT  OP2   HOP2   sing N N 290 
DT  "O5'" "C5'"  sing N N 291 
DT  "C5'" "C4'"  sing N N 292 
DT  "C5'" "H5'"  sing N N 293 
DT  "C5'" "H5''" sing N N 294 
DT  "C4'" "O4'"  sing N N 295 
DT  "C4'" "C3'"  sing N N 296 
DT  "C4'" "H4'"  sing N N 297 
DT  "O4'" "C1'"  sing N N 298 
DT  "C3'" "O3'"  sing N N 299 
DT  "C3'" "C2'"  sing N N 300 
DT  "C3'" "H3'"  sing N N 301 
DT  "O3'" "HO3'" sing N N 302 
DT  "C2'" "C1'"  sing N N 303 
DT  "C2'" "H2'"  sing N N 304 
DT  "C2'" "H2''" sing N N 305 
DT  "C1'" N1     sing N N 306 
DT  "C1'" "H1'"  sing N N 307 
DT  N1    C2     sing N N 308 
DT  N1    C6     sing N N 309 
DT  C2    O2     doub N N 310 
DT  C2    N3     sing N N 311 
DT  N3    C4     sing N N 312 
DT  N3    H3     sing N N 313 
DT  C4    O4     doub N N 314 
DT  C4    C5     sing N N 315 
DT  C5    C7     sing N N 316 
DT  C5    C6     doub N N 317 
DT  C7    H71    sing N N 318 
DT  C7    H72    sing N N 319 
DT  C7    H73    sing N N 320 
DT  C6    H6     sing N N 321 
GPN "C8'" "C7'"  sing N N 322 
GPN "C8'" N9     sing N N 323 
GPN "C8'" "H8'1" sing N N 324 
GPN "C8'" "H8'2" sing N N 325 
GPN "C7'" "O7'"  doub N N 326 
GPN "C7'" "N4'"  sing N N 327 
GPN "C5'" C      sing N N 328 
GPN "C5'" "N4'"  sing N N 329 
GPN "C5'" "H5'1" sing N N 330 
GPN "C5'" "H5'2" sing N N 331 
GPN C     O      doub N N 332 
GPN C     OXT    sing N N 333 
GPN OXT   HXT    sing N N 334 
GPN "N4'" "C3'"  sing N N 335 
GPN "C3'" "C2'"  sing N N 336 
GPN "C3'" "H3'1" sing N N 337 
GPN "C3'" "H3'2" sing N N 338 
GPN "C2'" N      sing N N 339 
GPN "C2'" "H2'1" sing N N 340 
GPN "C2'" "H2'2" sing N N 341 
GPN N     H      sing N N 342 
GPN N     H2     sing N N 343 
GPN N     H3     sing N N 344 
GPN N9    C8     sing Y N 345 
GPN N9    C4     sing Y N 346 
GPN C8    N7     doub Y N 347 
GPN C8    H8     sing N N 348 
GPN N7    C5     sing Y N 349 
GPN C5    C6     sing N N 350 
GPN C5    C4     doub Y N 351 
GPN C6    O6     doub N N 352 
GPN C6    N1     sing N N 353 
GPN N1    C2     sing N N 354 
GPN N1    HN1    sing N N 355 
GPN C2    N2     sing N N 356 
GPN C2    N3     doub N N 357 
GPN N2    HN21   sing N N 358 
GPN N2    HN22   sing N N 359 
GPN N3    C4     sing N N 360 
HOH O     H1     sing N N 361 
HOH O     H2     sing N N 362 
NH2 N     HN1    sing N N 363 
NH2 N     HN2    sing N N 364 
T66 "C8'" "C7'"  sing N N 365 
T66 "C8'" N1     sing N N 366 
T66 "C8'" "H8'1" sing N N 367 
T66 "C8'" "H8'2" sing N N 368 
T66 "C7'" "O7'"  doub N N 369 
T66 "C7'" "N4'"  sing N N 370 
T66 "C5'" "C'"   sing N N 371 
T66 "C5'" "N4'"  sing N N 372 
T66 "C5'" CB     sing N N 373 
T66 "C5'" "H5'1" sing N N 374 
T66 "C'"  "O1'"  doub N N 375 
T66 "C'"  OXT    sing N N 376 
T66 OXT   HXT    sing N N 377 
T66 "N4'" "C3'"  sing N N 378 
T66 "C3'" "C2'"  sing N N 379 
T66 "C3'" "H3'1" sing N N 380 
T66 "C3'" "H3'2" sing N N 381 
T66 "C2'" "N1'"  sing N N 382 
T66 "C2'" "H2'1" sing N N 383 
T66 "C2'" "H2'2" sing N N 384 
T66 "N1'" "H1'1" sing N N 385 
T66 "N1'" "H1'2" sing N N 386 
T66 N1    C6     sing N N 387 
T66 N1    C2     sing N N 388 
T66 C6    C5     doub N N 389 
T66 C6    H6     sing N N 390 
T66 C2    O2     doub N N 391 
T66 C2    N3     sing N N 392 
T66 N3    C4     sing N N 393 
T66 N3    HN3    sing N N 394 
T66 C4    O4     doub N N 395 
T66 C4    C5     sing N N 396 
T66 C5    C5M    sing N N 397 
T66 C5M   HM51   sing N N 398 
T66 C5M   HM52   sing N N 399 
T66 C5M   HM53   sing N N 400 
T66 CB    CG     sing N N 401 
T66 CB    HB1    sing N N 402 
T66 CB    HB2    sing N N 403 
T66 CG    CD     sing N N 404 
T66 CG    HG1    sing N N 405 
T66 CG    HG2    sing N N 406 
T66 CD    CE     sing N N 407 
T66 CD    HD1    sing N N 408 
T66 CD    HD2    sing N N 409 
T66 CE    NZ     sing N N 410 
T66 CE    HE1    sing N N 411 
T66 CE    HE2    sing N N 412 
T66 NZ    HZ1    sing N N 413 
T66 NZ    HZ2    sing N N 414 
TPN "C8'" "C7'"  sing N N 415 
TPN "C8'" N1     sing N N 416 
TPN "C8'" "H8'1" sing N N 417 
TPN "C8'" "H8'2" sing N N 418 
TPN "C7'" "O7'"  doub N N 419 
TPN "C7'" "N4'"  sing N N 420 
TPN "C5'" C      sing N N 421 
TPN "C5'" "N4'"  sing N N 422 
TPN "C5'" "H5'1" sing N N 423 
TPN "C5'" "H5'2" sing N N 424 
TPN C     O      doub N N 425 
TPN C     OXT    sing N N 426 
TPN OXT   HXT    sing N N 427 
TPN "N4'" "C3'"  sing N N 428 
TPN "C3'" "C2'"  sing N N 429 
TPN "C3'" "H3'1" sing N N 430 
TPN "C3'" "H3'2" sing N N 431 
TPN "C2'" N      sing N N 432 
TPN "C2'" "H2'1" sing N N 433 
TPN "C2'" "H2'2" sing N N 434 
TPN N     H      sing N N 435 
TPN N     H2     sing N N 436 
TPN N     H3     sing N N 437 
TPN N1    C6     sing N N 438 
TPN N1    C2     sing N N 439 
TPN C6    C5     doub N N 440 
TPN C6    H6     sing N N 441 
TPN C2    O2     doub N N 442 
TPN C2    N3     sing N N 443 
TPN N3    C4     sing N N 444 
TPN N3    HN3    sing N N 445 
TPN C4    O4     doub N N 446 
TPN C4    C5     sing N N 447 
TPN C5    C5M    sing N N 448 
TPN C5M   HM51   sing N N 449 
TPN C5M   HM52   sing N N 450 
TPN C5M   HM53   sing N N 451 
# 
loop_
_ndb_struct_conf_na.entry_id 
_ndb_struct_conf_na.feature 
1NR8 'double helix'  
1NR8 'internal loop' 
# 
loop_
_ndb_struct_na_base_pair.model_number 
_ndb_struct_na_base_pair.i_label_asym_id 
_ndb_struct_na_base_pair.i_label_comp_id 
_ndb_struct_na_base_pair.i_label_seq_id 
_ndb_struct_na_base_pair.i_symmetry 
_ndb_struct_na_base_pair.j_label_asym_id 
_ndb_struct_na_base_pair.j_label_comp_id 
_ndb_struct_na_base_pair.j_label_seq_id 
_ndb_struct_na_base_pair.j_symmetry 
_ndb_struct_na_base_pair.shear 
_ndb_struct_na_base_pair.stretch 
_ndb_struct_na_base_pair.stagger 
_ndb_struct_na_base_pair.buckle 
_ndb_struct_na_base_pair.propeller 
_ndb_struct_na_base_pair.opening 
_ndb_struct_na_base_pair.pair_number 
_ndb_struct_na_base_pair.pair_name 
_ndb_struct_na_base_pair.i_auth_asym_id 
_ndb_struct_na_base_pair.i_auth_seq_id 
_ndb_struct_na_base_pair.i_PDB_ins_code 
_ndb_struct_na_base_pair.j_auth_asym_id 
_ndb_struct_na_base_pair.j_auth_seq_id 
_ndb_struct_na_base_pair.j_PDB_ins_code 
_ndb_struct_na_base_pair.hbond_type_28 
_ndb_struct_na_base_pair.hbond_type_12 
1 A DA 1  1_555 B TPN 10 1_555 -0.103 -0.161 0.023  7.882  -12.647 0.415 1 A_DA1:TPN10_B A 1  ? B 10 ? 20 1 
1 A DG 2  1_555 B CPN 9  1_555 -0.476 -0.140 0.028  -0.439 -8.591  2.390 2 A_DG2:CPN9_B  A 2  ? B 9  ? 19 1 
1 A DT 3  1_555 B APN 8  1_555 0.025  -0.163 -0.118 -1.331 -8.927  3.602 3 A_DT3:APN8_B  A 3  ? B 8  ? 20 1 
1 A DC 7  1_555 B GPN 4  1_555 0.159  -0.130 -0.439 13.205 0.152   0.570 4 A_DC7:GPN4_B  A 7  ? B 4  ? 19 1 
1 A DT 8  1_555 B APN 3  1_555 -0.091 -0.133 -0.214 3.338  -4.141  2.710 5 A_DT8:APN3_B  A 8  ? B 3  ? 20 1 
1 A DA 9  1_555 B TPN 2  1_555 0.186  -0.186 0.069  16.341 -3.207  2.835 6 A_DA9:TPN2_B  A 9  ? B 2  ? 20 1 
1 A DC 10 1_555 B GPN 1  1_555 0.221  -0.063 -0.136 16.486 -17.118 5.945 7 A_DC10:GPN1_B A 10 ? B 1  ? 19 1 
# 
loop_
_ndb_struct_na_base_pair_step.model_number 
_ndb_struct_na_base_pair_step.i_label_asym_id_1 
_ndb_struct_na_base_pair_step.i_label_comp_id_1 
_ndb_struct_na_base_pair_step.i_label_seq_id_1 
_ndb_struct_na_base_pair_step.i_symmetry_1 
_ndb_struct_na_base_pair_step.j_label_asym_id_1 
_ndb_struct_na_base_pair_step.j_label_comp_id_1 
_ndb_struct_na_base_pair_step.j_label_seq_id_1 
_ndb_struct_na_base_pair_step.j_symmetry_1 
_ndb_struct_na_base_pair_step.i_label_asym_id_2 
_ndb_struct_na_base_pair_step.i_label_comp_id_2 
_ndb_struct_na_base_pair_step.i_label_seq_id_2 
_ndb_struct_na_base_pair_step.i_symmetry_2 
_ndb_struct_na_base_pair_step.j_label_asym_id_2 
_ndb_struct_na_base_pair_step.j_label_comp_id_2 
_ndb_struct_na_base_pair_step.j_label_seq_id_2 
_ndb_struct_na_base_pair_step.j_symmetry_2 
_ndb_struct_na_base_pair_step.shift 
_ndb_struct_na_base_pair_step.slide 
_ndb_struct_na_base_pair_step.rise 
_ndb_struct_na_base_pair_step.tilt 
_ndb_struct_na_base_pair_step.roll 
_ndb_struct_na_base_pair_step.twist 
_ndb_struct_na_base_pair_step.x_displacement 
_ndb_struct_na_base_pair_step.y_displacement 
_ndb_struct_na_base_pair_step.helical_rise 
_ndb_struct_na_base_pair_step.inclination 
_ndb_struct_na_base_pair_step.tip 
_ndb_struct_na_base_pair_step.helical_twist 
_ndb_struct_na_base_pair_step.step_number 
_ndb_struct_na_base_pair_step.step_name 
_ndb_struct_na_base_pair_step.i_auth_asym_id_1 
_ndb_struct_na_base_pair_step.i_auth_seq_id_1 
_ndb_struct_na_base_pair_step.i_PDB_ins_code_1 
_ndb_struct_na_base_pair_step.j_auth_asym_id_1 
_ndb_struct_na_base_pair_step.j_auth_seq_id_1 
_ndb_struct_na_base_pair_step.j_PDB_ins_code_1 
_ndb_struct_na_base_pair_step.i_auth_asym_id_2 
_ndb_struct_na_base_pair_step.i_auth_seq_id_2 
_ndb_struct_na_base_pair_step.i_PDB_ins_code_2 
_ndb_struct_na_base_pair_step.j_auth_asym_id_2 
_ndb_struct_na_base_pair_step.j_auth_seq_id_2 
_ndb_struct_na_base_pair_step.j_PDB_ins_code_2 
1 A DA 1 1_555 B TPN 10 1_555 A DG 2  1_555 B CPN 9 1_555 -0.909 -2.134 3.512 -3.382 3.267  25.028 -5.827 1.043  3.303 7.455   
7.718  25.459 1 AA_DA1DG2:CPN9TPN10_BB A 1 ? B 10 ? A 2  ? B 9 ? 
1 A DG 2 1_555 B CPN 9  1_555 A DT 3  1_555 B APN 8 1_555 -1.213 -1.710 3.372 0.432  -0.489 27.241 -3.504 2.686  3.383 -1.039  
-0.918 27.249 2 AA_DG2DT3:APN8CPN9_BB  A 2 ? B 9  ? A 3  ? B 8 ? 
1 A DC 7 1_555 B GPN 4  1_555 A DT 8  1_555 B APN 3 1_555 -0.878 -2.237 3.748 -4.582 -1.832 23.916 -4.605 0.365  4.001 -4.361  
10.909 24.412 3 AA_DC7DT8:APN3GPN4_BB  A 7 ? B 4  ? A 8  ? B 3 ? 
1 A DT 8 1_555 B APN 3  1_555 A DA 9  1_555 B TPN 2 1_555 -0.674 -1.347 3.037 -4.052 12.964 20.213 -6.593 0.539  1.931 32.608  
10.192 24.313 4 AA_DT8DA9:TPN2APN3_BB  A 8 ? B 3  ? A 9  ? B 2 ? 
1 A DA 9 1_555 B TPN 2  1_555 A DC 10 1_555 B GPN 1 1_555 0.547  -2.003 3.522 -1.368 -3.765 16.824 -3.988 -2.791 3.817 -12.636 
4.593  17.291 5 AA_DA9DC10:GPN1TPN2_BB A 9 ? B 2  ? A 10 ? B 1 ? 
# 
_atom_sites.entry_id                    1NR8 
_atom_sites.fract_transf_matrix[1][1]   -0.01145587 
_atom_sites.fract_transf_matrix[1][2]   -0.03009477 
_atom_sites.fract_transf_matrix[1][3]   0.00744058 
_atom_sites.fract_transf_matrix[2][1]   0.02100330 
_atom_sites.fract_transf_matrix[2][2]   -0.02527579 
_atom_sites.fract_transf_matrix[2][3]   0.00350688 
_atom_sites.fract_transf_matrix[3][1]   0.00243712 
_atom_sites.fract_transf_matrix[3][2]   0.00580138 
_atom_sites.fract_transf_matrix[3][3]   0.02721706 
_atom_sites.fract_transf_vector[1]      0.262695 
_atom_sites.fract_transf_vector[2]      0.764612 
_atom_sites.fract_transf_vector[3]      0.454335 
# 
loop_
_atom_type.symbol 
C  
MG 
N  
O  
P  
# 
loop_
_atom_site.group_PDB 
_atom_site.id 
_atom_site.type_symbol 
_atom_site.label_atom_id 
_atom_site.label_alt_id 
_atom_site.label_comp_id 
_atom_site.label_asym_id 
_atom_site.label_entity_id 
_atom_site.label_seq_id 
_atom_site.pdbx_PDB_ins_code 
_atom_site.Cartn_x 
_atom_site.Cartn_y 
_atom_site.Cartn_z 
_atom_site.occupancy 
_atom_site.B_iso_or_equiv 
_atom_site.pdbx_formal_charge 
_atom_site.auth_seq_id 
_atom_site.auth_comp_id 
_atom_site.auth_asym_id 
_atom_site.auth_atom_id 
_atom_site.pdbx_PDB_model_num 
ATOM   1   O  "O5'" . DA  A 1 1  ? -2.471  -21.319 -13.988 1.00 40.44 ? 1    DA  A "O5'" 1 
ATOM   2   C  "C5'" . DA  A 1 1  ? -3.145  -20.521 -12.992 1.00 32.34 ? 1    DA  A "C5'" 1 
ATOM   3   C  "C4'" . DA  A 1 1  ? -4.290  -21.287 -12.371 1.00 27.18 ? 1    DA  A "C4'" 1 
ATOM   4   O  "O4'" . DA  A 1 1  ? -3.836  -21.972 -11.186 1.00 24.90 ? 1    DA  A "O4'" 1 
ATOM   5   C  "C3'" . DA  A 1 1  ? -5.411  -20.381 -11.881 1.00 25.26 ? 1    DA  A "C3'" 1 
ATOM   6   O  "O3'" . DA  A 1 1  ? -6.342  -20.158 -12.931 1.00 24.69 ? 1    DA  A "O3'" 1 
ATOM   7   C  "C2'" . DA  A 1 1  ? -6.020  -21.183 -10.750 1.00 24.69 ? 1    DA  A "C2'" 1 
ATOM   8   C  "C1'" . DA  A 1 1  ? -4.784  -21.814 -10.131 1.00 24.47 ? 1    DA  A "C1'" 1 
ATOM   9   N  N9    . DA  A 1 1  ? -4.163  -20.990 -9.096  1.00 22.72 ? 1    DA  A N9    1 
ATOM   10  C  C8    . DA  A 1 1  ? -3.005  -20.256 -9.167  1.00 22.82 ? 1    DA  A C8    1 
ATOM   11  N  N7    . DA  A 1 1  ? -2.717  -19.614 -8.056  1.00 24.84 ? 1    DA  A N7    1 
ATOM   12  C  C5    . DA  A 1 1  ? -3.754  -19.950 -7.199  1.00 22.37 ? 1    DA  A C5    1 
ATOM   13  C  C6    . DA  A 1 1  ? -4.037  -19.596 -5.868  1.00 22.80 ? 1    DA  A C6    1 
ATOM   14  N  N6    . DA  A 1 1  ? -3.276  -18.778 -5.134  1.00 24.32 ? 1    DA  A N6    1 
ATOM   15  N  N1    . DA  A 1 1  ? -5.149  -20.115 -5.309  1.00 23.98 ? 1    DA  A N1    1 
ATOM   16  C  C2    . DA  A 1 1  ? -5.921  -20.920 -6.043  1.00 23.34 ? 1    DA  A C2    1 
ATOM   17  N  N3    . DA  A 1 1  ? -5.767  -21.320 -7.302  1.00 22.35 ? 1    DA  A N3    1 
ATOM   18  C  C4    . DA  A 1 1  ? -4.649  -20.798 -7.825  1.00 22.41 ? 1    DA  A C4    1 
ATOM   19  P  P     . DG  A 1 2  ? -7.142  -18.771 -12.993 1.00 24.94 ? 2    DG  A P     1 
ATOM   20  O  OP1   . DG  A 1 2  ? -7.831  -18.733 -14.302 1.00 25.36 ? 2    DG  A OP1   1 
ATOM   21  O  OP2   . DG  A 1 2  ? -6.224  -17.670 -12.604 1.00 24.69 ? 2    DG  A OP2   1 
ATOM   22  O  "O5'" . DG  A 1 2  ? -8.269  -18.941 -11.880 1.00 23.62 ? 2    DG  A "O5'" 1 
ATOM   23  C  "C5'" . DG  A 1 2  ? -9.258  -19.956 -12.030 1.00 23.18 ? 2    DG  A "C5'" 1 
ATOM   24  C  "C4'" . DG  A 1 2  ? -10.101 -20.052 -10.782 1.00 25.57 ? 2    DG  A "C4'" 1 
ATOM   25  O  "O4'" . DG  A 1 2  ? -9.264  -20.393 -9.659  1.00 24.75 ? 2    DG  A "O4'" 1 
ATOM   26  C  "C3'" . DG  A 1 2  ? -10.775 -18.750 -10.385 1.00 25.09 ? 2    DG  A "C3'" 1 
ATOM   27  O  "O3'" . DG  A 1 2  ? -12.016 -18.624 -11.061 1.00 24.74 ? 2    DG  A "O3'" 1 
ATOM   28  C  "C2'" . DG  A 1 2  ? -10.990 -18.937 -8.897  1.00 24.59 ? 2    DG  A "C2'" 1 
ATOM   29  C  "C1'" . DG  A 1 2  ? -9.755  -19.730 -8.490  1.00 24.65 ? 2    DG  A "C1'" 1 
ATOM   30  N  N9    . DG  A 1 2  ? -8.690  -18.888 -7.962  1.00 23.71 ? 2    DG  A N9    1 
ATOM   31  C  C8    . DG  A 1 2  ? -7.497  -18.554 -8.559  1.00 22.96 ? 2    DG  A C8    1 
ATOM   32  N  N7    . DG  A 1 2  ? -6.744  -17.801 -7.803  1.00 23.08 ? 2    DG  A N7    1 
ATOM   33  C  C5    . DG  A 1 2  ? -7.489  -17.628 -6.646  1.00 22.23 ? 2    DG  A C5    1 
ATOM   34  C  C6    . DG  A 1 2  ? -7.192  -16.912 -5.458  1.00 21.25 ? 2    DG  A C6    1 
ATOM   35  O  O6    . DG  A 1 2  ? -6.166  -16.281 -5.172  1.00 21.07 ? 2    DG  A O6    1 
ATOM   36  N  N1    . DG  A 1 2  ? -8.242  -16.984 -4.546  1.00 20.81 ? 2    DG  A N1    1 
ATOM   37  C  C2    . DG  A 1 2  ? -9.419  -17.659 -4.746  1.00 21.41 ? 2    DG  A C2    1 
ATOM   38  N  N2    . DG  A 1 2  ? -10.319 -17.596 -3.759  1.00 20.33 ? 2    DG  A N2    1 
ATOM   39  N  N3    . DG  A 1 2  ? -9.697  -18.341 -5.838  1.00 22.68 ? 2    DG  A N3    1 
ATOM   40  C  C4    . DG  A 1 2  ? -8.696  -18.283 -6.738  1.00 21.93 ? 2    DG  A C4    1 
ATOM   41  P  P     . DT  A 1 3  ? -12.631 -17.166 -11.311 1.00 24.47 ? 3    DT  A P     1 
ATOM   42  O  OP1   . DT  A 1 3  ? -13.702 -17.314 -12.329 1.00 27.22 ? 3    DT  A OP1   1 
ATOM   43  O  OP2   . DT  A 1 3  ? -11.521 -16.222 -11.556 1.00 25.80 ? 3    DT  A OP2   1 
ATOM   44  O  "O5'" . DT  A 1 3  ? -13.266 -16.785 -9.899  1.00 23.20 ? 3    DT  A "O5'" 1 
ATOM   45  C  "C5'" . DT  A 1 3  ? -14.309 -17.562 -9.328  1.00 23.53 ? 3    DT  A "C5'" 1 
ATOM   46  C  "C4'" . DT  A 1 3  ? -14.659 -17.033 -7.954  1.00 22.83 ? 3    DT  A "C4'" 1 
ATOM   47  O  "O4'" . DT  A 1 3  ? -13.595 -17.296 -7.013  1.00 23.29 ? 3    DT  A "O4'" 1 
ATOM   48  C  "C3'" . DT  A 1 3  ? -14.862 -15.530 -7.878  1.00 23.06 ? 3    DT  A "C3'" 1 
ATOM   49  O  "O3'" . DT  A 1 3  ? -16.189 -15.191 -8.269  1.00 23.99 ? 3    DT  A "O3'" 1 
ATOM   50  C  "C2'" . DT  A 1 3  ? -14.658 -15.266 -6.399  1.00 22.48 ? 3    DT  A "C2'" 1 
ATOM   51  C  "C1'" . DT  A 1 3  ? -13.533 -16.236 -6.055  1.00 22.47 ? 3    DT  A "C1'" 1 
ATOM   52  N  N1    . DT  A 1 3  ? -12.204 -15.597 -6.148  1.00 20.63 ? 3    DT  A N1    1 
ATOM   53  C  C2    . DT  A 1 3  ? -11.776 -14.889 -5.047  1.00 20.57 ? 3    DT  A C2    1 
ATOM   54  O  O2    . DT  A 1 3  ? -12.449 -14.773 -4.035  1.00 21.20 ? 3    DT  A O2    1 
ATOM   55  N  N3    . DT  A 1 3  ? -10.538 -14.321 -5.176  1.00 20.28 ? 3    DT  A N3    1 
ATOM   56  C  C4    . DT  A 1 3  ? -9.695  -14.387 -6.266  1.00 19.85 ? 3    DT  A C4    1 
ATOM   57  O  O4    . DT  A 1 3  ? -8.594  -13.853 -6.217  1.00 19.23 ? 3    DT  A O4    1 
ATOM   58  C  C5    . DT  A 1 3  ? -10.213 -15.123 -7.401  1.00 20.22 ? 3    DT  A C5    1 
ATOM   59  C  C7    . DT  A 1 3  ? -9.383  -15.218 -8.644  1.00 22.78 ? 3    DT  A C7    1 
ATOM   60  C  C6    . DT  A 1 3  ? -11.426 -15.691 -7.282  1.00 19.77 ? 3    DT  A C6    1 
ATOM   61  P  P     . DG  A 1 4  ? -16.524 -13.683 -8.696  1.00 25.67 ? 4    DG  A P     1 
ATOM   62  O  OP1   . DG  A 1 4  ? -17.919 -13.697 -9.213  1.00 27.59 ? 4    DG  A OP1   1 
ATOM   63  O  OP2   . DG  A 1 4  ? -15.425 -13.163 -9.540  1.00 24.67 ? 4    DG  A OP2   1 
ATOM   64  O  "O5'" . DG  A 1 4  ? -16.502 -12.876 -7.327  1.00 23.25 ? 4    DG  A "O5'" 1 
ATOM   65  C  "C5'" . DG  A 1 4  ? -17.471 -13.139 -6.326  1.00 22.27 ? 4    DG  A "C5'" 1 
ATOM   66  C  "C4'" . DG  A 1 4  ? -17.205 -12.283 -5.111  1.00 20.42 ? 4    DG  A "C4'" 1 
ATOM   67  O  "O4'" . DG  A 1 4  ? -15.964 -12.665 -4.470  1.00 18.31 ? 4    DG  A "O4'" 1 
ATOM   68  C  "C3'" . DG  A 1 4  ? -17.024 -10.804 -5.381  1.00 19.23 ? 4    DG  A "C3'" 1 
ATOM   69  O  "O3'" . DG  A 1 4  ? -18.281 -10.171 -5.641  1.00 20.33 ? 4    DG  A "O3'" 1 
ATOM   70  C  "C2'" . DG  A 1 4  ? -16.384 -10.358 -4.077  1.00 20.83 ? 4    DG  A "C2'" 1 
ATOM   71  C  "C1'" . DG  A 1 4  ? -15.439 -11.528 -3.781  1.00 18.81 ? 4    DG  A "C1'" 1 
ATOM   72  N  N9    . DG  A 1 4  ? -14.087 -11.268 -4.271  1.00 18.68 ? 4    DG  A N9    1 
ATOM   73  C  C8    . DG  A 1 4  ? -13.534 -11.625 -5.481  1.00 18.22 ? 4    DG  A C8    1 
ATOM   74  N  N7    . DG  A 1 4  ? -12.308 -11.191 -5.629  1.00 17.71 ? 4    DG  A N7    1 
ATOM   75  C  C5    . DG  A 1 4  ? -12.038 -10.512 -4.447  1.00 16.25 ? 4    DG  A C5    1 
ATOM   76  C  C6    . DG  A 1 4  ? -10.873 -9.821  -4.025  1.00 15.44 ? 4    DG  A C6    1 
ATOM   77  O  O6    . DG  A 1 4  ? -9.806  -9.670  -4.628  1.00 15.84 ? 4    DG  A O6    1 
ATOM   78  N  N1    . DG  A 1 4  ? -11.031 -9.274  -2.744  1.00 16.42 ? 4    DG  A N1    1 
ATOM   79  C  C2    . DG  A 1 4  ? -12.166 -9.382  -1.980  1.00 15.52 ? 4    DG  A C2    1 
ATOM   80  N  N2    . DG  A 1 4  ? -12.146 -8.762  -0.786  1.00 15.88 ? 4    DG  A N2    1 
ATOM   81  N  N3    . DG  A 1 4  ? -13.250 -10.039 -2.358  1.00 17.96 ? 4    DG  A N3    1 
ATOM   82  C  C4    . DG  A 1 4  ? -13.121 -10.566 -3.594  1.00 16.98 ? 4    DG  A C4    1 
ATOM   83  P  P     . DA  A 1 5  ? -18.307 -8.684  -6.252  1.00 21.24 ? 5    DA  A P     1 
ATOM   84  O  OP1   . DA  A 1 5  ? -19.736 -8.334  -6.477  1.00 23.28 ? 5    DA  A OP1   1 
ATOM   85  O  OP2   . DA  A 1 5  ? -17.342 -8.604  -7.386  1.00 21.30 ? 5    DA  A OP2   1 
ATOM   86  O  "O5'" . DA  A 1 5  ? -17.768 -7.821  -5.023  1.00 19.99 ? 5    DA  A "O5'" 1 
ATOM   87  C  "C5'" . DA  A 1 5  ? -16.943 -6.674  -5.184  1.00 19.72 ? 5    DA  A "C5'" 1 
ATOM   88  C  "C4'" . DA  A 1 5  ? -16.313 -6.343  -3.854  1.00 19.87 ? 5    DA  A "C4'" 1 
ATOM   89  O  "O4'" . DA  A 1 5  ? -15.253 -7.280  -3.560  1.00 19.23 ? 5    DA  A "O4'" 1 
ATOM   90  C  "C3'" . DA  A 1 5  ? -15.682 -4.970  -3.699  1.00 19.52 ? 5    DA  A "C3'" 1 
ATOM   91  O  "O3'" . DA  A 1 5  ? -16.706 -4.045  -3.327  1.00 20.99 ? 5    DA  A "O3'" 1 
ATOM   92  C  "C2'" . DA  A 1 5  ? -14.736 -5.207  -2.537  1.00 20.69 ? 5    DA  A "C2'" 1 
ATOM   93  C  "C1'" . DA  A 1 5  ? -14.225 -6.617  -2.822  1.00 17.66 ? 5    DA  A "C1'" 1 
ATOM   94  N  N9    . DA  A 1 5  ? -13.019 -6.598  -3.650  1.00 17.28 ? 5    DA  A N9    1 
ATOM   95  C  C8    . DA  A 1 5  ? -12.872 -7.094  -4.922  1.00 15.31 ? 5    DA  A C8    1 
ATOM   96  N  N7    . DA  A 1 5  ? -11.682 -6.885  -5.437  1.00 15.93 ? 5    DA  A N7    1 
ATOM   97  C  C5    . DA  A 1 5  ? -10.995 -6.208  -4.435  1.00 16.47 ? 5    DA  A C5    1 
ATOM   98  C  C6    . DA  A 1 5  ? -9.691  -5.688  -4.367  1.00 18.16 ? 5    DA  A C6    1 
ATOM   99  N  N6    . DA  A 1 5  ? -8.816  -5.734  -5.372  1.00 16.43 ? 5    DA  A N6    1 
ATOM   100 N  N1    . DA  A 1 5  ? -9.311  -5.092  -3.208  1.00 17.04 ? 5    DA  A N1    1 
ATOM   101 C  C2    . DA  A 1 5  ? -10.206 -5.009  -2.208  1.00 17.34 ? 5    DA  A C2    1 
ATOM   102 N  N3    . DA  A 1 5  ? -11.460 -5.443  -2.165  1.00 16.31 ? 5    DA  A N3    1 
ATOM   103 C  C4    . DA  A 1 5  ? -11.802 -6.040  -3.320  1.00 17.92 ? 5    DA  A C4    1 
ATOM   104 P  P     . DT  A 1 6  ? -16.535 -2.483  -3.651  1.00 22.00 ? 6    DT  A P     1 
ATOM   105 O  OP1   . DT  A 1 6  ? -17.830 -1.843  -3.288  1.00 21.98 ? 6    DT  A OP1   1 
ATOM   106 O  OP2   . DT  A 1 6  ? -15.984 -2.300  -5.015  1.00 20.12 ? 6    DT  A OP2   1 
ATOM   107 O  "O5'" . DT  A 1 6  ? -15.424 -2.024  -2.611  1.00 20.59 ? 6    DT  A "O5'" 1 
ATOM   108 C  "C5'" . DT  A 1 6  ? -15.603 -2.252  -1.213  1.00 22.73 ? 6    DT  A "C5'" 1 
ATOM   109 C  "C4'" . DT  A 1 6  ? -14.371 -1.828  -0.453  1.00 21.87 ? 6    DT  A "C4'" 1 
ATOM   110 O  "O4'" . DT  A 1 6  ? -13.237 -2.650  -0.811  1.00 21.37 ? 6    DT  A "O4'" 1 
ATOM   111 C  "C3'" . DT  A 1 6  ? -13.923 -0.401  -0.731  1.00 22.86 ? 6    DT  A "C3'" 1 
ATOM   112 O  "O3'" . DT  A 1 6  ? -14.654 0.494   0.109   1.00 24.85 ? 6    DT  A "O3'" 1 
ATOM   113 C  "C2'" . DT  A 1 6  ? -12.463 -0.448  -0.337  1.00 22.51 ? 6    DT  A "C2'" 1 
ATOM   114 C  "C1'" . DT  A 1 6  ? -12.051 -1.853  -0.773  1.00 21.21 ? 6    DT  A "C1'" 1 
ATOM   115 N  N1    . DT  A 1 6  ? -11.419 -1.908  -2.102  1.00 18.98 ? 6    DT  A N1    1 
ATOM   116 C  C2    . DT  A 1 6  ? -10.128 -1.466  -2.198  1.00 18.57 ? 6    DT  A C2    1 
ATOM   117 O  O2    . DT  A 1 6  ? -9.516  -1.000  -1.254  1.00 19.03 ? 6    DT  A O2    1 
ATOM   118 N  N3    . DT  A 1 6  ? -9.569  -1.591  -3.449  1.00 16.74 ? 6    DT  A N3    1 
ATOM   119 C  C4    . DT  A 1 6  ? -10.176 -2.095  -4.587  1.00 18.09 ? 6    DT  A C4    1 
ATOM   120 O  O4    . DT  A 1 6  ? -9.545  -2.169  -5.634  1.00 16.71 ? 6    DT  A O4    1 
ATOM   121 C  C5    . DT  A 1 6  ? -11.542 -2.511  -4.423  1.00 17.41 ? 6    DT  A C5    1 
ATOM   122 C  C7    . DT  A 1 6  ? -12.283 -3.048  -5.609  1.00 17.55 ? 6    DT  A C7    1 
ATOM   123 C  C6    . DT  A 1 6  ? -12.094 -2.400  -3.205  1.00 17.80 ? 6    DT  A C6    1 
ATOM   124 P  P     . DC  A 1 7  ? -14.839 2.025   -0.324  1.00 28.09 ? 7    DC  A P     1 
ATOM   125 O  OP1   . DC  A 1 7  ? -15.880 2.621   0.558   1.00 30.29 ? 7    DC  A OP1   1 
ATOM   126 O  OP2   . DC  A 1 7  ? -14.978 2.128   -1.795  1.00 29.46 ? 7    DC  A OP2   1 
ATOM   127 O  "O5'" . DC  A 1 7  ? -13.441 2.687   0.035   1.00 27.56 ? 7    DC  A "O5'" 1 
ATOM   128 C  "C5'" . DC  A 1 7  ? -12.950 2.686   1.364   1.00 28.45 ? 7    DC  A "C5'" 1 
ATOM   129 C  "C4'" . DC  A 1 7  ? -11.679 3.496   1.433   1.00 29.29 ? 7    DC  A "C4'" 1 
ATOM   130 O  "O4'" . DC  A 1 7  ? -10.687 2.846   0.594   1.00 28.53 ? 7    DC  A "O4'" 1 
ATOM   131 C  "C3'" . DC  A 1 7  ? -11.816 4.930   0.909   1.00 30.72 ? 7    DC  A "C3'" 1 
ATOM   132 O  "O3'" . DC  A 1 7  ? -11.056 5.818   1.737   1.00 33.27 ? 7    DC  A "O3'" 1 
ATOM   133 C  "C2'" . DC  A 1 7  ? -11.252 4.846   -0.500  1.00 29.13 ? 7    DC  A "C2'" 1 
ATOM   134 C  "C1'" . DC  A 1 7  ? -10.198 3.757   -0.372  1.00 26.76 ? 7    DC  A "C1'" 1 
ATOM   135 N  N1    . DC  A 1 7  ? -9.947  3.020   -1.626  1.00 24.90 ? 7    DC  A N1    1 
ATOM   136 C  C2    . DC  A 1 7  ? -8.657  3.036   -2.161  1.00 23.07 ? 7    DC  A C2    1 
ATOM   137 O  O2    . DC  A 1 7  ? -7.760  3.607   -1.530  1.00 26.13 ? 7    DC  A O2    1 
ATOM   138 N  N3    . DC  A 1 7  ? -8.422  2.432   -3.346  1.00 22.18 ? 7    DC  A N3    1 
ATOM   139 C  C4    . DC  A 1 7  ? -9.421  1.819   -3.992  1.00 21.71 ? 7    DC  A C4    1 
ATOM   140 N  N4    . DC  A 1 7  ? -9.154  1.268   -5.180  1.00 19.56 ? 7    DC  A N4    1 
ATOM   141 C  C5    . DC  A 1 7  ? -10.737 1.754   -3.451  1.00 22.74 ? 7    DC  A C5    1 
ATOM   142 C  C6    . DC  A 1 7  ? -10.952 2.359   -2.272  1.00 23.59 ? 7    DC  A C6    1 
ATOM   143 P  P     . DT  A 1 8  ? -10.880 7.365   1.324   1.00 35.43 ? 8    DT  A P     1 
ATOM   144 O  OP1   . DT  A 1 8  ? -10.775 8.137   2.588   1.00 37.26 ? 8    DT  A OP1   1 
ATOM   145 O  OP2   . DT  A 1 8  ? -11.910 7.737   0.321   1.00 35.41 ? 8    DT  A OP2   1 
ATOM   146 O  "O5'" . DT  A 1 8  ? -9.459  7.385   0.606   1.00 34.15 ? 8    DT  A "O5'" 1 
ATOM   147 C  "C5'" . DT  A 1 8  ? -8.291  6.921   1.278   1.00 34.72 ? 8    DT  A "C5'" 1 
ATOM   148 C  "C4'" . DT  A 1 8  ? -7.057  7.456   0.587   1.00 36.43 ? 8    DT  A "C4'" 1 
ATOM   149 O  "O4'" . DT  A 1 8  ? -6.828  6.747   -0.655  1.00 35.38 ? 8    DT  A "O4'" 1 
ATOM   150 C  "C3'" . DT  A 1 8  ? -7.180  8.936   0.216   1.00 36.73 ? 8    DT  A "C3'" 1 
ATOM   151 O  "O3'" . DT  A 1 8  ? -5.949  9.624   0.451   1.00 39.04 ? 8    DT  A "O3'" 1 
ATOM   152 C  "C2'" . DT  A 1 8  ? -7.504  8.898   -1.266  1.00 36.12 ? 8    DT  A "C2'" 1 
ATOM   153 C  "C1'" . DT  A 1 8  ? -6.716  7.682   -1.716  1.00 34.79 ? 8    DT  A "C1'" 1 
ATOM   154 N  N1    . DT  A 1 8  ? -7.196  7.042   -2.958  1.00 33.03 ? 8    DT  A N1    1 
ATOM   155 C  C2    . DT  A 1 8  ? -6.310  6.965   -4.007  1.00 30.90 ? 8    DT  A C2    1 
ATOM   156 O  O2    . DT  A 1 8  ? -5.180  7.427   -3.956  1.00 29.08 ? 8    DT  A O2    1 
ATOM   157 N  N3    . DT  A 1 8  ? -6.798  6.329   -5.123  1.00 29.46 ? 8    DT  A N3    1 
ATOM   158 C  C4    . DT  A 1 8  ? -8.059  5.793   -5.296  1.00 29.08 ? 8    DT  A C4    1 
ATOM   159 O  O4    . DT  A 1 8  ? -8.346  5.240   -6.350  1.00 27.76 ? 8    DT  A O4    1 
ATOM   160 C  C5    . DT  A 1 8  ? -8.950  5.944   -4.168  1.00 30.56 ? 8    DT  A C5    1 
ATOM   161 C  C7    . DT  A 1 8  ? -10.357 5.443   -4.285  1.00 31.38 ? 8    DT  A C7    1 
ATOM   162 C  C6    . DT  A 1 8  ? -8.476  6.540   -3.064  1.00 31.47 ? 8    DT  A C6    1 
ATOM   163 P  P     . DA  A 1 9  ? -5.979  11.152  0.962   1.00 40.59 ? 9    DA  A P     1 
ATOM   164 O  OP1   . DA  A 1 9  ? -4.843  11.318  1.900   1.00 40.97 ? 9    DA  A OP1   1 
ATOM   165 O  OP2   . DA  A 1 9  ? -7.356  11.480  1.409   1.00 40.45 ? 9    DA  A OP2   1 
ATOM   166 O  "O5'" . DA  A 1 9  ? -5.674  11.992  -0.349  1.00 39.90 ? 9    DA  A "O5'" 1 
ATOM   167 C  "C5'" . DA  A 1 9  ? -5.347  11.325  -1.552  1.00 38.56 ? 9    DA  A "C5'" 1 
ATOM   168 C  "C4'" . DA  A 1 9  ? -5.005  12.321  -2.631  1.00 37.08 ? 9    DA  A "C4'" 1 
ATOM   169 O  "O4'" . DA  A 1 9  ? -4.999  11.560  -3.861  1.00 36.51 ? 9    DA  A "O4'" 1 
ATOM   170 C  "C3'" . DA  A 1 9  ? -6.061  13.414  -2.823  1.00 37.32 ? 9    DA  A "C3'" 1 
ATOM   171 O  "O3'" . DA  A 1 9  ? -5.462  14.623  -3.305  1.00 39.32 ? 9    DA  A "O3'" 1 
ATOM   172 C  "C2'" . DA  A 1 9  ? -6.969  12.834  -3.883  1.00 35.82 ? 9    DA  A "C2'" 1 
ATOM   173 C  "C1'" . DA  A 1 9  ? -5.989  12.062  -4.736  1.00 33.28 ? 9    DA  A "C1'" 1 
ATOM   174 N  N9    . DA  A 1 9  ? -6.611  10.935  -5.425  1.00 30.62 ? 9    DA  A N9    1 
ATOM   175 C  C8    . DA  A 1 9  ? -7.764  10.260  -5.103  1.00 28.82 ? 9    DA  A C8    1 
ATOM   176 N  N7    . DA  A 1 9  ? -8.139  9.397   -6.017  1.00 27.71 ? 9    DA  A N7    1 
ATOM   177 C  C5    . DA  A 1 9  ? -7.145  9.488   -6.984  1.00 26.16 ? 9    DA  A C5    1 
ATOM   178 C  C6    . DA  A 1 9  ? -6.970  8.857   -8.217  1.00 26.04 ? 9    DA  A C6    1 
ATOM   179 N  N6    . DA  A 1 9  ? -7.851  7.996   -8.740  1.00 24.16 ? 9    DA  A N6    1 
ATOM   180 N  N1    . DA  A 1 9  ? -5.851  9.154   -8.920  1.00 25.46 ? 9    DA  A N1    1 
ATOM   181 C  C2    . DA  A 1 9  ? -4.991  10.050  -8.418  1.00 26.81 ? 9    DA  A C2    1 
ATOM   182 N  N3    . DA  A 1 9  ? -5.063  10.729  -7.280  1.00 28.07 ? 9    DA  A N3    1 
ATOM   183 C  C4    . DA  A 1 9  ? -6.176  10.398  -6.606  1.00 27.45 ? 9    DA  A C4    1 
ATOM   184 P  P     . DC  A 1 10 ? -6.320  15.986  -3.327  1.00 39.42 ? 10   DC  A P     1 
ATOM   185 O  OP1   . DC  A 1 10 ? -5.375  17.109  -3.559  1.00 39.39 ? 10   DC  A OP1   1 
ATOM   186 O  OP2   . DC  A 1 10 ? -7.190  15.984  -2.124  1.00 39.89 ? 10   DC  A OP2   1 
ATOM   187 O  "O5'" . DC  A 1 10 ? -7.245  15.858  -4.620  1.00 37.97 ? 10   DC  A "O5'" 1 
ATOM   188 C  "C5'" . DC  A 1 10 ? -6.839  16.431  -5.861  1.00 35.13 ? 10   DC  A "C5'" 1 
ATOM   189 C  "C4'" . DC  A 1 10 ? -5.807  15.549  -6.522  1.00 33.52 ? 10   DC  A "C4'" 1 
ATOM   190 O  "O4'" . DC  A 1 10 ? -6.389  14.247  -6.803  1.00 32.55 ? 10   DC  A "O4'" 1 
ATOM   191 C  "C3'" . DC  A 1 10 ? -5.281  16.075  -7.861  1.00 33.02 ? 10   DC  A "C3'" 1 
ATOM   192 O  "O3'" . DC  A 1 10 ? -3.894  15.733  -7.992  1.00 32.72 ? 10   DC  A "O3'" 1 
ATOM   193 C  "C2'" . DC  A 1 10 ? -6.055  15.253  -8.875  1.00 30.81 ? 10   DC  A "C2'" 1 
ATOM   194 C  "C1'" . DC  A 1 10 ? -6.131  13.920  -8.161  1.00 29.79 ? 10   DC  A "C1'" 1 
ATOM   195 N  N1    . DC  A 1 10 ? -7.206  13.037  -8.649  1.00 26.00 ? 10   DC  A N1    1 
ATOM   196 C  C2    . DC  A 1 10 ? -7.004  12.380  -9.858  1.00 27.04 ? 10   DC  A C2    1 
ATOM   197 O  O2    . DC  A 1 10 ? -5.911  12.518  -10.428 1.00 26.17 ? 10   DC  A O2    1 
ATOM   198 N  N3    . DC  A 1 10 ? -7.989  11.609  -10.371 1.00 24.34 ? 10   DC  A N3    1 
ATOM   199 C  C4    . DC  A 1 10 ? -9.142  11.471  -9.713  1.00 24.19 ? 10   DC  A C4    1 
ATOM   200 N  N4    . DC  A 1 10 ? -10.107 10.717  -10.282 1.00 23.56 ? 10   DC  A N4    1 
ATOM   201 C  C5    . DC  A 1 10 ? -9.366  12.099  -8.452  1.00 25.70 ? 10   DC  A C5    1 
ATOM   202 C  C6    . DC  A 1 10 ? -8.376  12.868  -7.959  1.00 26.18 ? 10   DC  A C6    1 
HETATM 203 C  "C8'" . GPN B 2 1  ? -6.541  10.788  -18.099 1.00 20.01 ? 1    GPN B "C8'" 1 
HETATM 204 C  "C7'" . GPN B 2 1  ? -5.111  10.269  -18.167 1.00 22.88 ? 1    GPN B "C7'" 1 
HETATM 205 O  "O7'" . GPN B 2 1  ? -4.737  9.481   -17.272 1.00 22.00 ? 1    GPN B "O7'" 1 
HETATM 206 C  "C5'" . GPN B 2 1  ? -2.915  10.160  -19.283 1.00 23.54 ? 1    GPN B "C5'" 1 
HETATM 207 C  C     . GPN B 2 1  ? -1.971  10.683  -18.205 1.00 23.13 ? 1    GPN B C     1 
HETATM 208 O  O     . GPN B 2 1  ? -2.147  11.801  -17.719 1.00 24.76 ? 1    GPN B O     1 
HETATM 209 N  "N4'" . GPN B 2 1  ? -4.296  10.667  -19.189 1.00 22.31 ? 1    GPN B "N4'" 1 
HETATM 210 C  "C3'" . GPN B 2 1  ? -4.714  11.603  -20.285 1.00 25.10 ? 1    GPN B "C3'" 1 
HETATM 211 C  "C2'" . GPN B 2 1  ? -3.957  12.956  -20.336 1.00 27.23 ? 1    GPN B "C2'" 1 
HETATM 212 N  N     . GPN B 2 1  ? -3.859  13.621  -19.024 1.00 27.53 ? 1    GPN B N     1 
HETATM 213 N  N9    . GPN B 2 1  ? -7.392  10.254  -17.040 1.00 21.95 ? 1    GPN B N9    1 
HETATM 214 C  C8    . GPN B 2 1  ? -8.421  9.349   -17.183 1.00 19.14 ? 1    GPN B C8    1 
HETATM 215 N  N7    . GPN B 2 1  ? -9.032  9.055   -16.076 1.00 19.57 ? 1    GPN B N7    1 
HETATM 216 C  C5    . GPN B 2 1  ? -8.367  9.815   -15.114 1.00 21.06 ? 1    GPN B C5    1 
HETATM 217 C  C6    . GPN B 2 1  ? -8.583  9.937   -13.679 1.00 18.84 ? 1    GPN B C6    1 
HETATM 218 O  O6    . GPN B 2 1  ? -9.431  9.381   -12.983 1.00 19.19 ? 1    GPN B O6    1 
HETATM 219 N  N1    . GPN B 2 1  ? -7.676  10.821  -13.040 1.00 21.55 ? 1    GPN B N1    1 
HETATM 220 C  C2    . GPN B 2 1  ? -6.663  11.518  -13.716 1.00 20.78 ? 1    GPN B C2    1 
HETATM 221 N  N2    . GPN B 2 1  ? -5.875  12.317  -12.976 1.00 22.16 ? 1    GPN B N2    1 
HETATM 222 N  N3    . GPN B 2 1  ? -6.465  11.413  -15.057 1.00 23.06 ? 1    GPN B N3    1 
HETATM 223 C  C4    . GPN B 2 1  ? -7.348  10.547  -15.704 1.00 20.68 ? 1    GPN B C4    1 
HETATM 224 C  "C8'" . TPN B 2 2  ? -3.153  9.690   -14.247 1.00 20.39 ? 2    TPN B "C8'" 1 
HETATM 225 C  "C7'" . TPN B 2 2  ? -1.892  8.838   -14.086 1.00 22.30 ? 2    TPN B "C7'" 1 
HETATM 226 O  "O7'" . TPN B 2 2  ? -1.973  7.789   -13.423 1.00 21.52 ? 2    TPN B "O7'" 1 
HETATM 227 C  "C5'" . TPN B 2 2  ? 0.432   8.293   -14.394 1.00 22.42 ? 2    TPN B "C5'" 1 
HETATM 228 C  C     . TPN B 2 2  ? 1.173   8.520   -13.096 1.00 23.52 ? 2    TPN B C     1 
HETATM 229 O  O     . TPN B 2 2  ? 1.068   9.609   -12.536 1.00 23.45 ? 2    TPN B O     1 
HETATM 230 N  "N4'" . TPN B 2 2  ? -0.706  9.197   -14.637 1.00 23.81 ? 2    TPN B "N4'" 1 
HETATM 231 C  "C3'" . TPN B 2 2  ? -0.486  10.422  -15.438 1.00 23.51 ? 2    TPN B "C3'" 1 
HETATM 232 C  "C2'" . TPN B 2 2  ? 0.028   10.193  -16.859 1.00 24.92 ? 2    TPN B "C2'" 1 
HETATM 233 N  N     . TPN B 2 2  ? -1.011  9.842   -17.827 1.00 23.54 ? 2    TPN B N     1 
HETATM 234 N  N1    . TPN B 2 2  ? -4.243  9.014   -13.520 1.00 22.00 ? 2    TPN B N1    1 
HETATM 235 C  C6    . TPN B 2 2  ? -5.092  8.129   -14.210 1.00 20.83 ? 2    TPN B C6    1 
HETATM 236 C  C2    . TPN B 2 2  ? -4.384  9.271   -12.135 1.00 22.59 ? 2    TPN B C2    1 
HETATM 237 O  O2    . TPN B 2 2  ? -3.640  10.043  -11.498 1.00 22.84 ? 2    TPN B O2    1 
HETATM 238 N  N3    . TPN B 2 2  ? -5.395  8.614   -11.500 1.00 21.01 ? 2    TPN B N3    1 
HETATM 239 C  C4    . TPN B 2 2  ? -6.274  7.729   -12.113 1.00 18.64 ? 2    TPN B C4    1 
HETATM 240 O  O4    . TPN B 2 2  ? -7.135  7.201   -11.454 1.00 17.08 ? 2    TPN B O4    1 
HETATM 241 C  C5    . TPN B 2 2  ? -6.098  7.484   -13.540 1.00 19.16 ? 2    TPN B C5    1 
HETATM 242 C  C5M   . TPN B 2 2  ? -7.014  6.520   -14.304 1.00 17.13 ? 2    TPN B C5M   1 
HETATM 243 C  "C8'" . APN B 2 3  ? -1.074  7.007   -10.505 1.00 20.98 ? 3    APN B "C8'" 1 
HETATM 244 C  "C7'" . APN B 2 3  ? -0.052  6.024   -9.850  1.00 21.49 ? 3    APN B "C7'" 1 
HETATM 245 O  "O7'" . APN B 2 3  ? -0.511  4.969   -9.393  1.00 20.59 ? 3    APN B "O7'" 1 
HETATM 246 C  "C5'" . APN B 2 3  ? 2.213   5.193   -9.371  1.00 22.00 ? 3    APN B "C5'" 1 
HETATM 247 C  C     . APN B 2 3  ? 2.526   5.155   -7.867  1.00 23.47 ? 3    APN B C     1 
HETATM 248 O  O     . APN B 2 3  ? 3.216   4.234   -7.406  1.00 24.29 ? 3    APN B O     1 
HETATM 249 N  "N4'" . APN B 2 3  ? 1.265   6.280   -9.781  1.00 22.36 ? 3    APN B "N4'" 1 
HETATM 250 C  "C3'" . APN B 2 3  ? 1.842   7.604   -10.117 1.00 22.79 ? 3    APN B "C3'" 1 
HETATM 251 C  "C2'" . APN B 2 3  ? 2.686   7.600   -11.399 1.00 23.48 ? 3    APN B "C2'" 1 
HETATM 252 N  N     . APN B 2 3  ? 1.860   7.491   -12.607 1.00 23.25 ? 3    APN B N     1 
HETATM 253 N  N9    . APN B 2 3  ? -2.426  6.463   -10.362 1.00 20.85 ? 3    APN B N9    1 
HETATM 254 C  C8    . APN B 2 3  ? -3.140  5.752   -11.304 1.00 22.05 ? 3    APN B C8    1 
HETATM 255 N  N7    . APN B 2 3  ? -4.308  5.368   -10.893 1.00 21.60 ? 3    APN B N7    1 
HETATM 256 C  C5    . APN B 2 3  ? -4.390  5.846   -9.590  1.00 21.39 ? 3    APN B C5    1 
HETATM 257 C  C6    . APN B 2 3  ? -5.389  5.770   -8.553  1.00 24.31 ? 3    APN B C6    1 
HETATM 258 N  N6    . APN B 2 3  ? -6.563  5.135   -8.700  1.00 23.11 ? 3    APN B N6    1 
HETATM 259 N  N1    . APN B 2 3  ? -5.144  6.369   -7.321  1.00 25.11 ? 3    APN B N1    1 
HETATM 260 C  C2    . APN B 2 3  ? -3.968  7.019   -7.119  1.00 23.96 ? 3    APN B C2    1 
HETATM 261 N  N3    . APN B 2 3  ? -2.954  7.151   -8.021  1.00 23.39 ? 3    APN B N3    1 
HETATM 262 C  C4    . APN B 2 3  ? -3.230  6.533   -9.254  1.00 22.64 ? 3    APN B C4    1 
HETATM 263 C  "C8'" . GPN B 2 4  ? -1.341  4.703   -6.106  1.00 21.27 ? 4    GPN B "C8'" 1 
HETATM 264 C  "C7'" . GPN B 2 4  ? -0.253  3.771   -5.547  1.00 22.77 ? 4    GPN B "C7'" 1 
HETATM 265 O  "O7'" . GPN B 2 4  ? -0.450  2.556   -5.677  1.00 22.12 ? 4    GPN B "O7'" 1 
HETATM 266 C  "C5'" . GPN B 2 4  ? 1.892   3.294   -4.457  1.00 23.14 ? 4    GPN B "C5'" 1 
HETATM 267 C  C     . GPN B 2 4  ? 1.841   2.931   -2.973  1.00 21.82 ? 4    GPN B C     1 
HETATM 268 O  O     . GPN B 2 4  ? 2.763   2.274   -2.496  1.00 24.97 ? 4    GPN B O     1 
HETATM 269 N  "N4'" . GPN B 2 4  ? 0.867   4.251   -4.949  1.00 23.39 ? 4    GPN B "N4'" 1 
HETATM 270 C  "C3'" . GPN B 2 4  ? 1.154   5.695   -4.753  1.00 24.52 ? 4    GPN B "C3'" 1 
HETATM 271 C  "C2'" . GPN B 2 4  ? 2.258   6.265   -5.674  1.00 25.58 ? 4    GPN B "C2'" 1 
HETATM 272 N  N     . GPN B 2 4  ? 1.995   6.129   -7.122  1.00 24.02 ? 4    GPN B N     1 
HETATM 273 N  N9    . GPN B 2 4  ? -2.537  3.955   -6.491  1.00 18.40 ? 4    GPN B N9    1 
HETATM 274 C  C8    . GPN B 2 4  ? -2.781  3.319   -7.690  1.00 19.52 ? 4    GPN B C8    1 
HETATM 275 N  N7    . GPN B 2 4  ? -3.932  2.723   -7.751  1.00 18.21 ? 4    GPN B N7    1 
HETATM 276 C  C5    . GPN B 2 4  ? -4.492  2.976   -6.503  1.00 17.44 ? 4    GPN B C5    1 
HETATM 277 C  C6    . GPN B 2 4  ? -5.758  2.574   -5.948  1.00 18.42 ? 4    GPN B C6    1 
HETATM 278 O  O6    . GPN B 2 4  ? -6.628  1.898   -6.485  1.00 17.05 ? 4    GPN B O6    1 
HETATM 279 N  N1    . GPN B 2 4  ? -5.973  3.024   -4.610  1.00 19.74 ? 4    GPN B N1    1 
HETATM 280 C  C2    . GPN B 2 4  ? -5.028  3.798   -3.899  1.00 20.72 ? 4    GPN B C2    1 
HETATM 281 N  N2    . GPN B 2 4  ? -5.341  4.158   -2.656  1.00 21.40 ? 4    GPN B N2    1 
HETATM 282 N  N3    . GPN B 2 4  ? -3.837  4.173   -4.436  1.00 20.21 ? 4    GPN B N3    1 
HETATM 283 C  C4    . GPN B 2 4  ? -3.629  3.734   -5.729  1.00 19.81 ? 4    GPN B C4    1 
HETATM 284 C  "C8'" . A66 B 2 5  ? -2.260  1.471   -2.835  1.00 19.59 ? 5    A66 B "C8'" 1 
HETATM 285 C  "C7'" . A66 B 2 5  ? -1.665  0.524   -1.785  1.00 19.96 ? 5    A66 B "C7'" 1 
HETATM 286 O  "O7'" . A66 B 2 5  ? -1.986  -0.661  -1.869  1.00 18.95 ? 5    A66 B "O7'" 1 
HETATM 287 C  CA    . A66 B 2 5  ? 0.000   0.000   0.000   1.00 20.29 ? 5    A66 B CA    1 
HETATM 288 C  C     . A66 B 2 5  ? -0.674  -0.475  1.291   1.00 18.39 ? 5    A66 B C     1 
HETATM 289 O  O     . A66 B 2 5  ? -0.025  -1.114  2.105   1.00 20.40 ? 5    A66 B O     1 
HETATM 290 N  N     . A66 B 2 5  ? -0.829  0.968   -0.814  1.00 18.77 ? 5    A66 B N     1 
HETATM 291 C  "C3'" . A66 B 2 5  ? -0.710  2.413   -0.465  1.00 20.29 ? 5    A66 B "C3'" 1 
HETATM 292 C  "C2'" . A66 B 2 5  ? 0.633   3.067   -0.827  1.00 19.38 ? 5    A66 B "C2'" 1 
HETATM 293 N  "N1'" . A66 B 2 5  ? 0.763   3.303   -2.282  1.00 21.36 ? 5    A66 B "N1'" 1 
HETATM 294 N  N9    . A66 B 2 5  ? -3.124  0.742   -3.763  1.00 19.08 ? 5    A66 B N9    1 
HETATM 295 C  C8    . A66 B 2 5  ? -2.785  0.290   -5.021  1.00 18.71 ? 5    A66 B C8    1 
HETATM 296 N  N7    . A66 B 2 5  ? -3.747  -0.339  -5.629  1.00 17.92 ? 5    A66 B N7    1 
HETATM 297 C  C5    . A66 B 2 5  ? -4.797  -0.314  -4.718  1.00 16.88 ? 5    A66 B C5    1 
HETATM 298 C  C6    . A66 B 2 5  ? -6.144  -0.820  -4.723  1.00 16.66 ? 5    A66 B C6    1 
HETATM 299 N  N6    . A66 B 2 5  ? -6.670  -1.490  -5.745  1.00 15.64 ? 5    A66 B N6    1 
HETATM 300 N  N1    . A66 B 2 5  ? -6.950  -0.625  -3.621  1.00 16.71 ? 5    A66 B N1    1 
HETATM 301 C  C2    . A66 B 2 5  ? -6.454  0.049   -2.558  1.00 17.47 ? 5    A66 B C2    1 
HETATM 302 N  N3    . A66 B 2 5  ? -5.210  0.571   -2.437  1.00 16.12 ? 5    A66 B N3    1 
HETATM 303 C  C4    . A66 B 2 5  ? -4.416  0.355   -3.560  1.00 17.91 ? 5    A66 B C4    1 
HETATM 304 C  CB    . A66 B 2 5  ? 0.656   -1.164  -0.786  1.00 23.57 ? 5    A66 B CB    1 
HETATM 305 C  CG    . A66 B 2 5  ? 1.587   -0.727  -1.922  1.00 26.92 ? 5    A66 B CG    1 
HETATM 306 C  CD    . A66 B 2 5  ? 2.366   -1.912  -2.477  1.00 30.78 ? 5    A66 B CD    1 
HETATM 307 C  CE    . A66 B 2 5  ? 3.794   -1.495  -2.802  1.00 34.90 ? 5    A66 B CE    1 
HETATM 308 N  NZ    . A66 B 2 5  ? 4.451   -2.444  -3.747  1.00 40.06 ? 5    A66 B NZ    1 
HETATM 309 C  "C8'" . T66 B 2 6  ? -4.844  -2.142  -0.229  1.00 16.67 ? 6    T66 B "C8'" 1 
HETATM 310 C  "C7'" . T66 B 2 6  ? -4.454  -3.120  0.856   1.00 17.96 ? 6    T66 B "C7'" 1 
HETATM 311 O  "O7'" . T66 B 2 6  ? -4.467  -4.333  0.600   1.00 18.51 ? 6    T66 B "O7'" 1 
HETATM 312 C  "C5'" . T66 B 2 6  ? -3.679  -3.627  3.140   1.00 20.49 ? 6    T66 B "C5'" 1 
HETATM 313 C  "C'"  . T66 B 2 6  ? -4.704  -4.219  4.069   1.00 22.93 ? 6    T66 B "C'"  1 
HETATM 314 O  "O1'" . T66 B 2 6  ? -4.290  -5.001  4.899   1.00 25.88 ? 6    T66 B "O1'" 1 
HETATM 315 N  "N4'" . T66 B 2 6  ? -4.090  -2.648  2.082   1.00 18.04 ? 6    T66 B "N4'" 1 
HETATM 316 C  "C3'" . T66 B 2 6  ? -4.082  -1.198  2.433   1.00 17.44 ? 6    T66 B "C3'" 1 
HETATM 317 C  "C2'" . T66 B 2 6  ? -2.717  -0.541  2.680   1.00 17.53 ? 6    T66 B "C2'" 1 
HETATM 318 N  "N1'" . T66 B 2 6  ? -1.965  -0.174  1.458   1.00 19.20 ? 6    T66 B "N1'" 1 
HETATM 319 N  N1    . T66 B 2 6  ? -5.174  -2.852  -1.495  1.00 16.50 ? 6    T66 B N1    1 
HETATM 320 C  C6    . T66 B 2 6  ? -4.171  -3.010  -2.484  1.00 17.68 ? 6    T66 B C6    1 
HETATM 321 C  C2    . T66 B 2 6  ? -6.467  -3.346  -1.656  1.00 18.30 ? 6    T66 B C2    1 
HETATM 322 O  O2    . T66 B 2 6  ? -7.340  -3.228  -0.804  1.00 17.55 ? 6    T66 B O2    1 
HETATM 323 N  N3    . T66 B 2 6  ? -6.742  -3.988  -2.835  1.00 17.56 ? 6    T66 B N3    1 
HETATM 324 C  C4    . T66 B 2 6  ? -5.827  -4.179  -3.855  1.00 17.73 ? 6    T66 B C4    1 
HETATM 325 O  O4    . T66 B 2 6  ? -6.190  -4.759  -4.857  1.00 18.34 ? 6    T66 B O4    1 
HETATM 326 C  C5    . T66 B 2 6  ? -4.470  -3.665  -3.659  1.00 16.93 ? 6    T66 B C5    1 
HETATM 327 C  C5M   . T66 B 2 6  ? -3.382  -3.825  -4.713  1.00 17.85 ? 6    T66 B C5M   1 
HETATM 328 C  CB    . T66 B 2 6  ? -2.593  -4.643  2.745   1.00 20.92 ? 6    T66 B CB    1 
HETATM 329 C  CG    . T66 B 2 6  ? -1.314  -4.019  2.254   1.00 19.26 ? 6    T66 B CG    1 
HETATM 330 C  CD    . T66 B 2 6  ? -0.304  -5.093  1.915   1.00 22.30 ? 6    T66 B CD    1 
HETATM 331 C  CE    . T66 B 2 6  ? 1.121   -4.559  2.056   1.00 23.27 ? 6    T66 B CE    1 
HETATM 332 N  NZ    . T66 B 2 6  ? 2.081   -5.689  2.204   1.00 25.10 ? 6    T66 B NZ    1 
HETATM 333 C  "C8'" . C66 B 2 7  ? -7.830  -6.004  1.422   1.00 19.90 ? 7    C66 B "C8'" 1 
HETATM 334 C  "C7'" . C66 B 2 7  ? -7.403  -7.045  2.487   1.00 22.09 ? 7    C66 B "C7'" 1 
HETATM 335 O  "O7'" . C66 B 2 7  ? -7.036  -8.170  2.135   1.00 23.04 ? 7    C66 B "O7'" 1 
HETATM 336 C  "C5'" . C66 B 2 7  ? -6.991  -7.821  4.816   1.00 23.60 ? 7    C66 B "C5'" 1 
HETATM 337 C  "C'"  . C66 B 2 7  ? -8.132  -8.705  5.320   1.00 23.63 ? 7    C66 B "C'"  1 
HETATM 338 O  "O1'" . C66 B 2 7  ? -7.904  -9.630  6.121   1.00 24.82 ? 7    C66 B "O1'" 1 
HETATM 339 N  "N4'" . C66 B 2 7  ? -7.426  -6.751  3.813   1.00 20.52 ? 7    C66 B "N4'" 1 
HETATM 340 C  "C3'" . C66 B 2 7  ? -7.895  -5.443  4.325   1.00 21.79 ? 7    C66 B "C3'" 1 
HETATM 341 C  "C2'" . C66 B 2 7  ? -6.915  -4.517  4.975   1.00 22.61 ? 7    C66 B "C2'" 1 
HETATM 342 N  "N1'" . C66 B 2 7  ? -5.989  -3.929  3.980   1.00 24.85 ? 7    C66 B "N1'" 1 
HETATM 343 N  N1    . C66 B 2 7  ? -7.682  -6.649  0.108   1.00 18.82 ? 7    C66 B N1    1 
HETATM 344 C  C2    . C66 B 2 7  ? -8.775  -7.292  -0.436  1.00 18.89 ? 7    C66 B C2    1 
HETATM 345 N  N3    . C66 B 2 7  ? -8.683  -7.891  -1.650  1.00 15.78 ? 7    C66 B N3    1 
HETATM 346 C  C4    . C66 B 2 7  ? -7.507  -7.839  -2.275  1.00 17.79 ? 7    C66 B C4    1 
HETATM 347 C  C5    . C66 B 2 7  ? -6.336  -7.209  -1.781  1.00 18.23 ? 7    C66 B C5    1 
HETATM 348 C  C6    . C66 B 2 7  ? -6.475  -6.618  -0.570  1.00 17.90 ? 7    C66 B C6    1 
HETATM 349 O  O2    . C66 B 2 7  ? -9.854  -7.333  0.166   1.00 17.99 ? 7    C66 B O2    1 
HETATM 350 N  N4    . C66 B 2 7  ? -7.507  -8.439  -3.422  1.00 17.79 ? 7    C66 B N4    1 
HETATM 351 C  CB    . C66 B 2 7  ? -5.707  -8.654  4.513   1.00 25.88 ? 7    C66 B CB    1 
HETATM 352 C  CG    . C66 B 2 7  ? -4.493  -7.909  3.945   1.00 30.90 ? 7    C66 B CG    1 
HETATM 353 C  CD    . C66 B 2 7  ? -3.433  -8.890  3.424   1.00 34.38 ? 7    C66 B CD    1 
HETATM 354 C  CE    . C66 B 2 7  ? -2.023  -8.410  3.784   1.00 36.51 ? 7    C66 B CE    1 
HETATM 355 N  NZ    . C66 B 2 7  ? -0.983  -9.443  3.504   1.00 38.32 ? 7    C66 B NZ    1 
HETATM 356 C  "C8'" . APN B 2 8  ? -9.587  -10.395 1.599   1.00 19.50 ? 8    APN B "C8'" 1 
HETATM 357 C  "C7'" . APN B 2 8  ? -9.382  -11.375 2.758   1.00 19.69 ? 8    APN B "C7'" 1 
HETATM 358 O  "O7'" . APN B 2 8  ? -8.589  -12.296 2.565   1.00 19.94 ? 8    APN B "O7'" 1 
HETATM 359 C  "C5'" . APN B 2 8  ? -9.778  -12.208 5.038   1.00 22.10 ? 8    APN B "C5'" 1 
HETATM 360 C  C     . APN B 2 8  ? -10.528 -13.553 4.899   1.00 24.12 ? 8    APN B C     1 
HETATM 361 O  O     . APN B 2 8  ? -10.119 -14.558 5.493   1.00 25.21 ? 8    APN B O     1 
HETATM 362 N  "N4'" . APN B 2 8  ? -10.040 -11.234 3.937   1.00 21.41 ? 8    APN B "N4'" 1 
HETATM 363 C  "C3'" . APN B 2 8  ? -11.018 -10.145 4.206   1.00 21.90 ? 8    APN B "C3'" 1 
HETATM 364 C  "C2'" . APN B 2 8  ? -10.568 -9.105  5.256   1.00 21.89 ? 8    APN B "C2'" 1 
HETATM 365 N  N     . APN B 2 8  ? -9.350  -8.408  4.857   1.00 22.26 ? 8    APN B N     1 
HETATM 366 N  N9    . APN B 2 8  ? -8.862  -10.769 0.377   1.00 17.84 ? 8    APN B N9    1 
HETATM 367 C  C8    . APN B 2 8  ? -7.553  -10.502 0.084   1.00 19.21 ? 8    APN B C8    1 
HETATM 368 N  N7    . APN B 2 8  ? -7.155  -10.944 -1.077  1.00 18.06 ? 8    APN B N7    1 
HETATM 369 C  C5    . APN B 2 8  ? -8.286  -11.559 -1.598  1.00 17.87 ? 8    APN B C5    1 
HETATM 370 C  C6    . APN B 2 8  ? -8.571  -12.256 -2.825  1.00 19.31 ? 8    APN B C6    1 
HETATM 371 N  N6    . APN B 2 8  ? -7.665  -12.441 -3.792  1.00 21.41 ? 8    APN B N6    1 
HETATM 372 N  N1    . APN B 2 8  ? -9.826  -12.774 -3.031  1.00 20.44 ? 8    APN B N1    1 
HETATM 373 C  C2    . APN B 2 8  ? -10.786 -12.612 -2.071  1.00 18.39 ? 8    APN B C2    1 
HETATM 374 N  N3    . APN B 2 8  ? -10.632 -11.966 -0.883  1.00 17.40 ? 8    APN B N3    1 
HETATM 375 C  C4    . APN B 2 8  ? -9.351  -11.461 -0.703  1.00 19.03 ? 8    APN B C4    1 
HETATM 376 C  "C8'" . CPN B 2 9  ? -9.906  -14.839 0.782   1.00 24.62 ? 9    CPN B "C8'" 1 
HETATM 377 C  "C7'" . CPN B 2 9  ? -9.989  -16.093 1.689   1.00 24.33 ? 9    CPN B "C7'" 1 
HETATM 378 O  "O7'" . CPN B 2 9  ? -9.086  -16.917 1.682   1.00 21.71 ? 9    CPN B "O7'" 1 
HETATM 379 C  "C5'" . CPN B 2 9  ? -11.031 -17.561 3.348   1.00 28.16 ? 9    CPN B "C5'" 1 
HETATM 380 C  C     . CPN B 2 9  ? -11.640 -18.810 2.706   1.00 29.08 ? 9    CPN B C     1 
HETATM 381 O  O     . CPN B 2 9  ? -11.655 -19.882 3.321   1.00 31.30 ? 9    CPN B O     1 
HETATM 382 N  "N4'" . CPN B 2 9  ? -11.057 -16.321 2.507   1.00 26.28 ? 9    CPN B "N4'" 1 
HETATM 383 C  "C3'" . CPN B 2 9  ? -12.227 -15.439 2.611   1.00 25.76 ? 9    CPN B "C3'" 1 
HETATM 384 C  "C2'" . CPN B 2 9  ? -12.424 -14.784 3.956   1.00 25.25 ? 9    CPN B "C2'" 1 
HETATM 385 N  N     . CPN B 2 9  ? -11.589 -13.566 4.101   1.00 23.82 ? 9    CPN B N     1 
HETATM 386 N  N1    . CPN B 2 9  ? -8.659  -14.859 -0.037  1.00 23.54 ? 9    CPN B N1    1 
HETATM 387 C  C2    . CPN B 2 9  ? -8.743  -15.472 -1.277  1.00 24.98 ? 9    CPN B C2    1 
HETATM 388 N  N3    . CPN B 2 9  ? -7.669  -15.522 -2.100  1.00 24.49 ? 9    CPN B N3    1 
HETATM 389 C  C4    . CPN B 2 9  ? -6.531  -14.960 -1.670  1.00 23.36 ? 9    CPN B C4    1 
HETATM 390 C  C5    . CPN B 2 9  ? -6.350  -14.318 -0.411  1.00 24.16 ? 9    CPN B C5    1 
HETATM 391 C  C6    . CPN B 2 9  ? -7.461  -14.293 0.380   1.00 23.18 ? 9    CPN B C6    1 
HETATM 392 O  O2    . CPN B 2 9  ? -9.809  -15.979 -1.650  1.00 26.93 ? 9    CPN B O2    1 
HETATM 393 N  N4    . CPN B 2 9  ? -5.559  -15.049 -2.518  1.00 23.71 ? 9    CPN B N4    1 
HETATM 394 C  "C8'" . TPN B 2 10 ? -9.149  -19.424 -0.979  1.00 25.34 ? 10   TPN B "C8'" 1 
HETATM 395 C  "C7'" . TPN B 2 10 ? -9.330  -20.612 -0.024  1.00 28.46 ? 10   TPN B "C7'" 1 
HETATM 396 O  "O7'" . TPN B 2 10 ? -8.317  -21.164 0.444   1.00 30.21 ? 10   TPN B "O7'" 1 
HETATM 397 C  "C5'" . TPN B 2 10 ? -10.744 -22.206 1.212   1.00 33.47 ? 10   TPN B "C5'" 1 
HETATM 398 C  C     . TPN B 2 10 ? -10.734 -23.606 0.607   1.00 37.34 ? 10   TPN B C     1 
HETATM 399 O  O     . TPN B 2 10 ? -10.365 -24.548 1.310   1.00 39.77 ? 10   TPN B O     1 
HETATM 400 N  "N4'" . TPN B 2 10 ? -10.601 -21.045 0.285   1.00 30.77 ? 10   TPN B "N4'" 1 
HETATM 401 C  "C3'" . TPN B 2 10 ? -11.842 -20.425 -0.273  1.00 29.96 ? 10   TPN B "C3'" 1 
HETATM 402 C  "C2'" . TPN B 2 10 ? -12.779 -19.754 0.737   1.00 29.72 ? 10   TPN B "C2'" 1 
HETATM 403 N  N     . TPN B 2 10 ? -12.146 -18.658 1.483   1.00 28.52 ? 10   TPN B N     1 
HETATM 404 N  N1    . TPN B 2 10 ? -7.723  -19.091 -1.256  1.00 23.80 ? 10   TPN B N1    1 
HETATM 405 C  C6    . TPN B 2 10 ? -6.910  -18.422 -0.327  1.00 23.94 ? 10   TPN B C6    1 
HETATM 406 C  C2    . TPN B 2 10 ? -7.247  -19.496 -2.518  1.00 23.55 ? 10   TPN B C2    1 
HETATM 407 O  O2    . TPN B 2 10 ? -7.946  -20.092 -3.337  1.00 25.95 ? 10   TPN B O2    1 
HETATM 408 N  N3    . TPN B 2 10 ? -5.964  -19.201 -2.812  1.00 23.93 ? 10   TPN B N3    1 
HETATM 409 C  C4    . TPN B 2 10 ? -5.097  -18.546 -1.972  1.00 23.45 ? 10   TPN B C4    1 
HETATM 410 O  O4    . TPN B 2 10 ? -3.968  -18.336 -2.361  1.00 25.16 ? 10   TPN B O4    1 
HETATM 411 C  C5    . TPN B 2 10 ? -5.603  -18.141 -0.647  1.00 23.25 ? 10   TPN B C5    1 
HETATM 412 C  C5M   . TPN B 2 10 ? -4.724  -17.416 0.374   1.00 22.89 ? 10   TPN B C5M   1 
HETATM 413 N  N     . NH2 B 2 11 ? -10.975 -23.714 -0.690  0.00 30.00 ? 11   NH2 B N     1 
HETATM 414 MG MG    . MG  C 3 .  ? -1.696  5.109   -2.803  1.00 35.31 ? 9001 MG  B MG    1 
HETATM 415 O  O     . HOH D 4 .  ? -7.025  -15.127 -11.683 1.00 27.04 ? 11   HOH A O     1 
HETATM 416 O  O     . HOH D 4 .  ? -14.542 -8.293  -7.436  1.00 23.93 ? 12   HOH A O     1 
HETATM 417 O  O     . HOH D 4 .  ? -16.230 5.369   1.736   1.00 41.82 ? 13   HOH A O     1 
HETATM 418 O  O     . HOH D 4 .  ? -15.974 -19.276 -12.161 1.00 30.19 ? 14   HOH A O     1 
HETATM 419 O  O     . HOH D 4 .  ? -17.500 -15.685 -3.687  1.00 39.41 ? 15   HOH A O     1 
HETATM 420 O  O     . HOH D 4 .  ? -20.643 -5.834  -5.657  1.00 30.31 ? 16   HOH A O     1 
HETATM 421 O  O     . HOH D 4 .  ? -1.728  -17.261 -13.315 1.00 37.44 ? 17   HOH A O     1 
HETATM 422 O  O     . HOH D 4 .  ? -10.182 6.767   4.770   1.00 52.40 ? 18   HOH A O     1 
HETATM 423 O  O     . HOH D 4 .  ? -10.873 -11.316 -8.084  1.00 31.67 ? 19   HOH A O     1 
HETATM 424 O  O     . HOH D 4 .  ? -5.556  -14.048 -9.612  1.00 30.95 ? 20   HOH A O     1 
HETATM 425 O  O     . HOH D 4 .  ? -8.962  -9.544  -7.021  1.00 37.86 ? 21   HOH A O     1 
HETATM 426 O  O     . HOH D 4 .  ? -12.112 -13.630 -10.694 1.00 34.24 ? 22   HOH A O     1 
HETATM 427 O  O     . HOH D 4 .  ? -9.841  10.936  -2.694  1.00 42.93 ? 23   HOH A O     1 
HETATM 428 O  O     . HOH D 4 .  ? -12.728 -18.751 -3.325  1.00 39.92 ? 24   HOH A O     1 
HETATM 429 O  O     . HOH D 4 .  ? -12.919 -9.501  -8.933  1.00 38.76 ? 25   HOH A O     1 
HETATM 430 O  O     . HOH D 4 .  ? -12.835 10.522  -9.721  1.00 32.01 ? 26   HOH A O     1 
HETATM 431 O  O     . HOH D 4 .  ? -13.551 4.244   -3.357  1.00 42.75 ? 27   HOH A O     1 
HETATM 432 O  O     . HOH D 4 .  ? -10.912 -8.200  -7.768  1.00 28.37 ? 28   HOH A O     1 
HETATM 433 O  O     . HOH D 4 .  ? -5.122  7.519   5.567   1.00 35.17 ? 29   HOH A O     1 
HETATM 434 O  O     . HOH D 4 .  ? -9.088  11.963  -0.280  1.00 39.20 ? 30   HOH A O     1 
HETATM 435 O  O     . HOH D 4 .  ? -4.489  -16.179 -8.668  1.00 32.37 ? 31   HOH A O     1 
HETATM 436 O  O     . HOH D 4 .  ? -3.587  -12.363 -9.235  1.00 35.54 ? 32   HOH A O     1 
HETATM 437 O  O     . HOH D 4 .  ? -3.146  12.924  -10.777 1.00 44.79 ? 33   HOH A O     1 
HETATM 438 O  O     . HOH D 4 .  ? -2.652  11.986  -6.356  1.00 36.93 ? 34   HOH A O     1 
HETATM 439 O  O     . HOH D 4 .  ? -6.942  5.678   4.764   1.00 42.63 ? 35   HOH A O     1 
HETATM 440 O  O     . HOH D 4 .  ? -13.294 6.994   -2.399  1.00 51.19 ? 36   HOH A O     1 
HETATM 441 O  O     . HOH D 4 .  ? -3.118  9.352   -3.737  1.00 35.00 ? 37   HOH A O     1 
HETATM 442 O  O     . HOH D 4 .  ? -10.554 7.949   -7.261  1.00 31.94 ? 38   HOH A O     1 
HETATM 443 O  O     . HOH D 4 .  ? -19.491 -16.297 -7.904  1.00 43.13 ? 39   HOH A O     1 
HETATM 444 O  O     . HOH D 4 .  ? -10.798 -18.214 -15.215 1.00 43.99 ? 40   HOH A O     1 
HETATM 445 O  O     . HOH D 4 .  ? -0.551  -17.714 -5.954  1.00 41.09 ? 41   HOH A O     1 
HETATM 446 O  O     . HOH D 4 .  ? -19.861 -11.790 -9.304  1.00 42.56 ? 42   HOH A O     1 
HETATM 447 O  O     . HOH D 4 .  ? -4.154  -17.198 -10.929 1.00 33.26 ? 43   HOH A O     1 
HETATM 448 O  O     . HOH D 4 .  ? -3.775  -14.153 -5.585  1.00 51.21 ? 44   HOH A O     1 
HETATM 449 O  O     . HOH D 4 .  ? -8.791  10.045  3.887   1.00 45.02 ? 45   HOH A O     1 
HETATM 450 O  O     . HOH D 4 .  ? -15.026 -14.939 -2.825  1.00 38.01 ? 46   HOH A O     1 
HETATM 451 O  O     . HOH D 4 .  ? -13.510 -19.457 -14.269 1.00 40.94 ? 47   HOH A O     1 
HETATM 452 O  O     . HOH D 4 .  ? -11.153 8.566   -2.110  1.00 45.87 ? 48   HOH A O     1 
HETATM 453 O  O     . HOH D 4 .  ? -17.871 -18.439 -10.358 1.00 49.19 ? 49   HOH A O     1 
HETATM 454 O  O     . HOH D 4 .  ? -13.998 -14.829 -0.510  1.00 38.37 ? 50   HOH A O     1 
HETATM 455 O  O     . HOH D 4 .  ? -18.469 0.494   -2.133  1.00 40.17 ? 51   HOH A O     1 
HETATM 456 O  O     . HOH D 4 .  ? -6.933  -12.605 -7.799  1.00 45.79 ? 52   HOH A O     1 
HETATM 457 O  O     . HOH E 4 .  ? -4.086  1.441   0.064   1.00 17.44 ? 9002 HOH B O     1 
HETATM 458 O  O     . HOH E 4 .  ? -2.988  -5.914  -1.056  1.00 20.97 ? 9003 HOH B O     1 
HETATM 459 O  O     . HOH E 4 .  ? 4.932   6.925   -8.708  1.00 31.96 ? 9004 HOH B O     1 
HETATM 460 O  O     . HOH E 4 .  ? -9.238  5.612   -12.154 1.00 24.44 ? 9005 HOH B O     1 
HETATM 461 O  O     . HOH E 4 .  ? -5.307  0.943   -9.348  1.00 34.40 ? 9006 HOH B O     1 
HETATM 462 O  O     . HOH E 4 .  ? -13.126 -17.600 6.073   1.00 49.22 ? 9007 HOH B O     1 
HETATM 463 O  O     . HOH E 4 .  ? -4.581  -1.496  -7.987  1.00 26.00 ? 9008 HOH B O     1 
HETATM 464 O  O     . HOH E 4 .  ? -5.166  -6.160  -7.012  1.00 20.11 ? 9009 HOH B O     1 
HETATM 465 O  O     . HOH E 4 .  ? -6.463  3.855   -11.545 1.00 23.69 ? 9010 HOH B O     1 
HETATM 466 O  O     . HOH E 4 .  ? -5.836  -12.240 3.229   1.00 34.45 ? 9011 HOH B O     1 
HETATM 467 O  O     . HOH E 4 .  ? -13.139 -11.377 2.354   1.00 31.48 ? 9012 HOH B O     1 
HETATM 468 O  O     . HOH E 4 .  ? 1.667   -6.281  -0.821  1.00 36.23 ? 9013 HOH B O     1 
HETATM 469 O  O     . HOH E 4 .  ? 3.888   -4.620  -1.646  1.00 42.00 ? 9014 HOH B O     1 
HETATM 470 O  O     . HOH E 4 .  ? -3.639  -5.989  6.910   1.00 29.51 ? 9015 HOH B O     1 
HETATM 471 O  O     . HOH E 4 .  ? -3.407  0.261   -11.262 1.00 35.02 ? 9016 HOH B O     1 
HETATM 472 O  O     . HOH E 4 .  ? -3.469  5.558   -0.670  1.00 26.72 ? 9017 HOH B O     1 
HETATM 473 O  O     . HOH E 4 .  ? -6.150  -8.642  -6.628  1.00 37.97 ? 9018 HOH B O     1 
HETATM 474 O  O     . HOH E 4 .  ? -4.295  13.127  -16.047 1.00 26.15 ? 9019 HOH B O     1 
HETATM 475 O  O     . HOH E 4 .  ? -5.465  -7.601  8.126   1.00 31.62 ? 9020 HOH B O     1 
HETATM 476 O  O     . HOH E 4 .  ? -0.570  10.611  -8.470  1.00 38.18 ? 9021 HOH B O     1 
HETATM 477 O  O     . HOH E 4 .  ? -3.490  4.789   2.156   1.00 35.63 ? 9022 HOH B O     1 
HETATM 478 O  O     . HOH E 4 .  ? -13.489 -12.343 -0.040  1.00 35.90 ? 9023 HOH B O     1 
HETATM 479 O  O     . HOH E 4 .  ? -2.375  7.972   -0.663  1.00 43.97 ? 9024 HOH B O     1 
HETATM 480 O  O     . HOH E 4 .  ? -8.473  -26.483 -0.235  1.00 48.83 ? 9025 HOH B O     1 
HETATM 481 O  O     . HOH E 4 .  ? -12.060 -15.542 7.533   1.00 40.96 ? 9026 HOH B O     1 
HETATM 482 O  O     . HOH E 4 .  ? -12.390 -16.817 -0.572  1.00 26.77 ? 9027 HOH B O     1 
HETATM 483 O  O     . HOH E 4 .  ? -3.017  14.052  -13.719 1.00 51.19 ? 9028 HOH B O     1 
HETATM 484 O  O     . HOH E 4 .  ? -5.034  -10.891 -6.273  1.00 43.62 ? 9029 HOH B O     1 
HETATM 485 O  O     . HOH E 4 .  ? -4.389  -10.813 -1.559  1.00 37.97 ? 9030 HOH B O     1 
HETATM 486 O  O     . HOH E 4 .  ? -3.190  -8.747  -0.217  1.00 44.76 ? 9031 HOH B O     1 
HETATM 487 O  O     . HOH E 4 .  ? -6.297  15.444  -15.580 1.00 37.45 ? 9032 HOH B O     1 
HETATM 488 O  O     . HOH E 4 .  ? -0.287  8.070   -7.308  1.00 30.40 ? 9033 HOH B O     1 
HETATM 489 O  O     . HOH E 4 .  ? -6.389  14.551  -18.023 1.00 33.35 ? 9034 HOH B O     1 
HETATM 490 O  O     . HOH E 4 .  ? -1.604  -7.559  6.968   1.00 44.33 ? 9035 HOH B O     1 
HETATM 491 O  O     . HOH E 4 .  ? -3.255  -13.306 -1.691  1.00 36.40 ? 9036 HOH B O     1 
HETATM 492 O  O     . HOH E 4 .  ? -2.814  -10.594 -7.343  1.00 41.81 ? 9037 HOH B O     1 
HETATM 493 O  O     . HOH E 4 .  ? -0.638  -4.673  -1.884  1.00 42.32 ? 9038 HOH B O     1 
HETATM 494 O  O     . HOH E 4 .  ? -4.726  -11.737 -3.938  1.00 46.33 ? 9039 HOH B O     1 
# 
